data_2W42
#
_entry.id   2W42
#
_cell.length_a   51.838
_cell.length_b   61.384
_cell.length_c   103.540
_cell.angle_alpha   75.80
_cell.angle_beta   75.86
_cell.angle_gamma   79.47
#
_symmetry.space_group_name_H-M   'P 1'
#
loop_
_entity.id
_entity.type
_entity.pdbx_description
1 polymer 'PUTATIVE UNCHARACTERIZED PROTEIN'
2 polymer "5'-D(*TP*TP*CP*GP*AP*CP*GP*CP)-3'"
3 polymer "5'-D(*GP*TP*CP*GP*AP*AP*TP*TP)-3'"
4 non-polymer 'MANGANESE (II) ION'
5 water water
#
loop_
_entity_poly.entity_id
_entity_poly.type
_entity_poly.pdbx_seq_one_letter_code
_entity_poly.pdbx_strand_id
1 'polypeptide(L)'
;MMEYKIVENGLTYRIGNGASVPISNTGELIKGLRNYGPYEVPSLKYNQIALIHNNQFSSLINQLKSQISSKIDEVWHIHN
INISEFIYDSPHFDSIKSQVDNAIDTGVDGIMLVLPEYNTPLYYKLKSYLINSIPSQFMRYDILSNRNLTFYVDNLLVQF
VSKLGGKPWILNVDPEKGSDIIIGTGATRIDNVNLFCFAMVFKKDGTMLWNEISPIVTSSEYLTYLKSTIKKVVYGFKKS
NPDWDVEKLTLHVSGKRPKMKDGETKILKETVEELKKQEMVSRDVKYAILHLNETHPFWVMGDPNNRFHPYEGTKVKLSS
KRYLLTLLQPYLKRNGLEMVTPIKPLSVEIVSDNWTSEEYYHNVHEILDEIYYLSKMNWRGFRSRNLPVTVNYPKLVAGI
IANVNRYGGYPINPEGNRSLQTNPWFL
;
A,B
2 'polydeoxyribonucleotide' (DT)(DT)(DC)(DG)(DA)(DC)(DG)(DC) P,R
3 'polydeoxyribonucleotide' (DG)(DT)(DC)(DG)(DA)(DA)(DT)(DT) Q,S
#
loop_
_chem_comp.id
_chem_comp.type
_chem_comp.name
_chem_comp.formula
DA DNA linking 2'-DEOXYADENOSINE-5'-MONOPHOSPHATE 'C10 H14 N5 O6 P'
DC DNA linking 2'-DEOXYCYTIDINE-5'-MONOPHOSPHATE 'C9 H14 N3 O7 P'
DG DNA linking 2'-DEOXYGUANOSINE-5'-MONOPHOSPHATE 'C10 H14 N5 O7 P'
DT DNA linking THYMIDINE-5'-MONOPHOSPHATE 'C10 H15 N2 O8 P'
MN non-polymer 'MANGANESE (II) ION' 'Mn 2'
#
# COMPACT_ATOMS: atom_id res chain seq x y z
N LEU A 11 41.03 -5.82 -41.78
CA LEU A 11 40.74 -6.12 -40.36
C LEU A 11 39.56 -7.08 -40.09
N THR A 12 39.77 -7.97 -39.11
CA THR A 12 38.76 -8.86 -38.63
C THR A 12 38.82 -8.87 -37.09
N TYR A 13 37.72 -9.27 -36.46
CA TYR A 13 37.72 -9.52 -35.03
C TYR A 13 37.98 -10.99 -34.75
N ARG A 14 38.89 -11.27 -33.81
CA ARG A 14 39.06 -12.62 -33.29
C ARG A 14 38.03 -12.94 -32.20
N ILE A 15 37.26 -14.03 -32.36
CA ILE A 15 36.33 -14.52 -31.33
C ILE A 15 36.81 -15.88 -30.78
N GLY A 16 35.92 -16.74 -30.28
CA GLY A 16 36.26 -17.99 -29.65
C GLY A 16 36.73 -18.98 -30.70
N ASN A 17 37.42 -20.02 -30.22
CA ASN A 17 37.79 -21.20 -30.99
C ASN A 17 38.63 -20.96 -32.22
N GLY A 18 39.37 -19.86 -32.23
CA GLY A 18 40.22 -19.52 -33.34
C GLY A 18 39.57 -18.89 -34.54
N ALA A 19 38.28 -18.54 -34.39
CA ALA A 19 37.46 -17.99 -35.45
C ALA A 19 37.62 -16.48 -35.50
N SER A 20 37.52 -15.93 -36.71
CA SER A 20 37.63 -14.47 -36.98
C SER A 20 36.45 -14.06 -37.90
N VAL A 21 35.87 -12.92 -37.59
CA VAL A 21 34.74 -12.38 -38.31
C VAL A 21 35.05 -10.96 -38.87
N PRO A 22 34.38 -10.60 -39.96
CA PRO A 22 34.63 -9.28 -40.55
C PRO A 22 34.23 -8.16 -39.59
N ILE A 23 34.97 -7.04 -39.63
CA ILE A 23 34.52 -5.84 -38.90
C ILE A 23 33.32 -5.25 -39.66
N SER A 24 32.66 -4.24 -39.08
CA SER A 24 31.53 -3.49 -39.74
C SER A 24 30.32 -4.34 -40.11
N ASN A 25 30.07 -5.39 -39.34
CA ASN A 25 29.01 -6.29 -39.63
C ASN A 25 28.49 -6.92 -38.35
N THR A 26 27.50 -6.26 -37.72
CA THR A 26 26.92 -6.74 -36.49
C THR A 26 26.27 -8.11 -36.58
N GLY A 27 25.54 -8.35 -37.68
CA GLY A 27 24.84 -9.60 -37.83
C GLY A 27 25.79 -10.81 -37.84
N GLU A 28 26.92 -10.70 -38.53
CA GLU A 28 27.91 -11.77 -38.58
C GLU A 28 28.67 -11.87 -37.25
N LEU A 29 28.85 -10.75 -36.56
CA LEU A 29 29.53 -10.81 -35.26
C LEU A 29 28.68 -11.64 -34.26
N ILE A 30 27.36 -11.38 -34.18
CA ILE A 30 26.48 -12.10 -33.27
C ILE A 30 26.35 -13.57 -33.70
N LYS A 31 26.19 -13.78 -35.00
CA LYS A 31 26.16 -15.17 -35.52
C LYS A 31 27.45 -15.92 -35.16
N GLY A 32 28.58 -15.24 -35.33
CA GLY A 32 29.88 -15.74 -34.95
C GLY A 32 29.95 -16.14 -33.47
N LEU A 33 29.47 -15.26 -32.59
CA LEU A 33 29.51 -15.56 -31.17
C LEU A 33 28.67 -16.81 -30.84
N ARG A 34 27.49 -16.87 -31.42
CA ARG A 34 26.65 -18.05 -31.22
C ARG A 34 27.40 -19.31 -31.70
N ASN A 35 28.03 -19.25 -32.87
CA ASN A 35 28.76 -20.43 -33.35
C ASN A 35 29.99 -20.84 -32.54
N TYR A 36 30.84 -19.86 -32.20
CA TYR A 36 32.23 -20.09 -31.76
C TYR A 36 32.50 -19.53 -30.39
N GLY A 37 31.55 -18.79 -29.85
CA GLY A 37 31.74 -18.19 -28.49
C GLY A 37 32.55 -16.90 -28.60
N PRO A 38 32.61 -16.13 -27.49
CA PRO A 38 33.42 -14.95 -27.46
C PRO A 38 34.89 -15.32 -27.33
N TYR A 39 35.77 -14.32 -27.44
CA TYR A 39 37.21 -14.56 -27.43
C TYR A 39 37.63 -15.19 -26.07
N GLU A 40 37.06 -14.66 -25.00
CA GLU A 40 37.17 -15.25 -23.63
C GLU A 40 35.88 -15.20 -22.87
N VAL A 41 35.40 -16.38 -22.46
CA VAL A 41 34.24 -16.50 -21.57
C VAL A 41 34.70 -16.07 -20.16
N PRO A 42 33.93 -15.21 -19.48
CA PRO A 42 34.32 -14.84 -18.13
C PRO A 42 34.25 -16.04 -17.14
N SER A 43 35.20 -16.10 -16.22
CA SER A 43 35.24 -17.08 -15.15
C SER A 43 34.42 -16.55 -13.99
N LEU A 44 33.33 -17.23 -13.67
CA LEU A 44 32.43 -16.71 -12.63
C LEU A 44 32.60 -17.53 -11.37
N LYS A 45 32.30 -16.94 -10.23
CA LYS A 45 32.52 -17.61 -8.94
C LYS A 45 31.24 -18.29 -8.46
N TYR A 46 30.11 -17.61 -8.60
CA TYR A 46 28.82 -18.12 -8.13
C TYR A 46 27.95 -18.74 -9.24
N ASN A 47 28.26 -18.41 -10.50
CA ASN A 47 27.32 -18.75 -11.58
C ASN A 47 25.93 -18.18 -11.31
N GLN A 48 25.86 -16.97 -10.78
CA GLN A 48 24.60 -16.37 -10.40
C GLN A 48 24.64 -14.89 -10.63
N ILE A 49 23.54 -14.37 -11.17
CA ILE A 49 23.39 -12.95 -11.39
C ILE A 49 22.10 -12.49 -10.75
N ALA A 50 22.12 -11.30 -10.15
CA ALA A 50 20.89 -10.76 -9.64
C ALA A 50 20.25 -9.84 -10.63
N LEU A 51 18.93 -9.96 -10.79
CA LEU A 51 18.12 -8.95 -11.46
C LEU A 51 17.26 -8.18 -10.45
N ILE A 52 17.57 -6.91 -10.27
CA ILE A 52 16.90 -6.08 -9.29
C ILE A 52 15.99 -5.05 -9.95
N HIS A 53 14.73 -5.01 -9.52
CA HIS A 53 13.70 -4.16 -10.19
C HIS A 53 12.48 -3.87 -9.25
N ASN A 54 11.48 -3.12 -9.72
CA ASN A 54 10.33 -2.80 -8.87
C ASN A 54 8.97 -3.09 -9.52
N ASN A 55 8.93 -4.09 -10.40
CA ASN A 55 7.78 -4.39 -11.26
C ASN A 55 7.61 -5.89 -11.35
N GLN A 56 7.25 -6.43 -10.20
CA GLN A 56 7.06 -7.88 -10.04
C GLN A 56 6.15 -8.54 -11.07
N PHE A 57 5.11 -7.85 -11.54
CA PHE A 57 4.16 -8.50 -12.47
C PHE A 57 4.29 -8.05 -13.92
N SER A 58 5.26 -7.17 -14.19
CA SER A 58 5.51 -6.61 -15.49
C SER A 58 5.91 -7.68 -16.50
N SER A 59 5.16 -7.71 -17.59
CA SER A 59 5.47 -8.54 -18.73
C SER A 59 6.82 -8.21 -19.40
N LEU A 60 7.17 -6.93 -19.49
CA LEU A 60 8.42 -6.50 -20.13
C LEU A 60 9.62 -6.97 -19.31
N ILE A 61 9.52 -6.90 -18.00
CA ILE A 61 10.52 -7.48 -17.09
C ILE A 61 10.64 -9.00 -17.26
N ASN A 62 9.51 -9.71 -17.40
CA ASN A 62 9.57 -11.15 -17.68
C ASN A 62 10.30 -11.45 -18.98
N GLN A 63 9.98 -10.70 -20.03
CA GLN A 63 10.58 -10.85 -21.35
C GLN A 63 12.09 -10.47 -21.29
N LEU A 64 12.40 -9.37 -20.61
CA LEU A 64 13.81 -8.96 -20.38
C LEU A 64 14.61 -10.09 -19.75
N LYS A 65 14.10 -10.63 -18.64
CA LYS A 65 14.77 -11.72 -17.94
C LYS A 65 14.95 -12.96 -18.78
N SER A 66 13.94 -13.31 -19.56
CA SER A 66 13.98 -14.46 -20.43
C SER A 66 15.02 -14.28 -21.54
N GLN A 67 15.05 -13.10 -22.13
CA GLN A 67 16.06 -12.81 -23.17
C GLN A 67 17.51 -12.78 -22.66
N ILE A 68 17.69 -12.19 -21.47
CA ILE A 68 19.00 -12.18 -20.80
C ILE A 68 19.43 -13.64 -20.56
N SER A 69 18.57 -14.48 -19.95
CA SER A 69 18.90 -15.94 -19.82
C SER A 69 19.32 -16.64 -21.11
N SER A 70 18.49 -16.57 -22.14
CA SER A 70 18.80 -17.25 -23.41
C SER A 70 20.10 -16.80 -24.07
N LYS A 71 20.31 -15.49 -24.12
CA LYS A 71 21.43 -14.87 -24.87
C LYS A 71 22.74 -14.98 -24.08
N ILE A 72 22.72 -14.86 -22.76
CA ILE A 72 23.90 -15.20 -21.96
C ILE A 72 24.42 -16.62 -22.28
N ASP A 73 23.47 -17.55 -22.43
CA ASP A 73 23.75 -18.95 -22.71
C ASP A 73 24.16 -19.12 -24.18
N GLU A 74 23.35 -18.62 -25.11
CA GLU A 74 23.56 -18.99 -26.50
C GLU A 74 24.58 -18.18 -27.28
N VAL A 75 24.65 -16.88 -26.96
CA VAL A 75 25.48 -15.93 -27.69
C VAL A 75 26.83 -15.92 -26.95
N TRP A 76 26.75 -15.86 -25.63
CA TRP A 76 27.94 -15.72 -24.78
C TRP A 76 28.59 -17.01 -24.25
N HIS A 77 27.92 -18.15 -24.45
CA HIS A 77 28.41 -19.44 -24.00
C HIS A 77 28.75 -19.46 -22.54
N ILE A 78 27.96 -18.74 -21.74
CA ILE A 78 28.02 -18.79 -20.30
C ILE A 78 26.81 -19.64 -19.89
N HIS A 79 27.11 -20.90 -19.56
CA HIS A 79 26.12 -21.93 -19.37
C HIS A 79 25.68 -22.07 -17.89
N ASN A 80 24.43 -22.53 -17.72
CA ASN A 80 23.88 -22.87 -16.40
C ASN A 80 23.94 -21.76 -15.37
N ILE A 81 23.96 -20.50 -15.83
CA ILE A 81 23.86 -19.32 -14.96
C ILE A 81 22.44 -19.21 -14.37
N ASN A 82 22.35 -18.83 -13.11
CA ASN A 82 21.07 -18.60 -12.47
C ASN A 82 20.81 -17.13 -12.29
N ILE A 83 19.61 -16.69 -12.62
CA ILE A 83 19.24 -15.32 -12.41
C ILE A 83 18.24 -15.23 -11.23
N SER A 84 18.62 -14.55 -10.14
CA SER A 84 17.74 -14.36 -8.99
C SER A 84 17.14 -12.97 -9.00
N GLU A 85 15.85 -12.85 -8.69
CA GLU A 85 15.22 -11.54 -8.69
C GLU A 85 15.14 -10.96 -7.28
N PHE A 86 15.20 -9.64 -7.20
CA PHE A 86 15.11 -8.91 -5.96
C PHE A 86 14.23 -7.71 -6.26
N ILE A 87 13.23 -7.48 -5.40
CA ILE A 87 12.24 -6.44 -5.65
C ILE A 87 12.34 -5.33 -4.61
N TYR A 88 12.56 -4.11 -5.07
CA TYR A 88 12.53 -2.97 -4.19
C TYR A 88 11.13 -2.35 -4.26
N ASP A 89 10.69 -1.81 -3.13
CA ASP A 89 9.32 -1.28 -3.00
C ASP A 89 9.25 0.19 -3.40
N SER A 90 10.13 0.99 -2.84
CA SER A 90 10.13 2.41 -3.09
C SER A 90 11.31 2.75 -4.02
N PRO A 91 11.09 3.64 -5.00
CA PRO A 91 12.12 3.94 -6.00
C PRO A 91 13.07 5.07 -5.55
N HIS A 92 13.73 4.84 -4.43
CA HIS A 92 14.66 5.81 -3.89
C HIS A 92 15.88 5.09 -3.36
N PHE A 93 16.93 5.87 -3.15
CA PHE A 93 18.26 5.32 -2.91
C PHE A 93 18.31 4.23 -1.84
N ASP A 94 17.75 4.48 -0.65
CA ASP A 94 17.90 3.54 0.47
C ASP A 94 17.16 2.23 0.27
N SER A 95 16.02 2.28 -0.39
CA SER A 95 15.25 1.09 -0.65
C SER A 95 15.94 0.23 -1.71
N ILE A 96 16.41 0.89 -2.77
CA ILE A 96 17.12 0.18 -3.87
C ILE A 96 18.43 -0.46 -3.31
N LYS A 97 19.23 0.37 -2.64
CA LYS A 97 20.41 -0.11 -1.88
C LYS A 97 20.18 -1.36 -0.99
N SER A 98 19.08 -1.41 -0.23
CA SER A 98 18.83 -2.59 0.62
C SER A 98 18.76 -3.84 -0.22
N GLN A 99 18.12 -3.76 -1.39
CA GLN A 99 18.03 -4.91 -2.28
C GLN A 99 19.39 -5.27 -2.93
N VAL A 100 20.16 -4.24 -3.30
CA VAL A 100 21.54 -4.42 -3.80
C VAL A 100 22.31 -5.19 -2.68
N ASP A 101 22.15 -4.74 -1.43
CA ASP A 101 22.74 -5.47 -0.30
C ASP A 101 22.28 -6.89 -0.11
N ASN A 102 20.99 -7.16 -0.27
CA ASN A 102 20.50 -8.53 -0.15
C ASN A 102 21.08 -9.38 -1.23
N ALA A 103 21.23 -8.78 -2.42
CA ALA A 103 21.81 -9.52 -3.53
C ALA A 103 23.27 -9.84 -3.22
N ILE A 104 24.04 -8.85 -2.79
CA ILE A 104 25.47 -9.06 -2.57
C ILE A 104 25.67 -10.15 -1.48
N ASP A 105 24.86 -10.07 -0.43
CA ASP A 105 24.87 -11.09 0.62
C ASP A 105 24.55 -12.53 0.16
N THR A 106 23.75 -12.69 -0.92
CA THR A 106 23.39 -14.04 -1.42
C THR A 106 24.51 -14.74 -2.21
N GLY A 107 25.47 -13.98 -2.72
CA GLY A 107 26.55 -14.61 -3.50
C GLY A 107 26.20 -14.47 -4.99
N VAL A 108 26.51 -13.31 -5.58
CA VAL A 108 26.29 -13.12 -7.02
C VAL A 108 27.52 -12.56 -7.75
N ASP A 109 27.69 -12.94 -9.02
CA ASP A 109 28.83 -12.40 -9.82
C ASP A 109 28.61 -10.99 -10.35
N GLY A 110 27.35 -10.57 -10.44
CA GLY A 110 27.05 -9.31 -11.02
C GLY A 110 25.60 -8.92 -10.70
N ILE A 111 25.30 -7.65 -10.86
CA ILE A 111 23.98 -7.12 -10.63
C ILE A 111 23.47 -6.37 -11.87
N MET A 112 22.25 -6.72 -12.31
CA MET A 112 21.58 -6.07 -13.37
C MET A 112 20.41 -5.37 -12.71
N LEU A 113 20.44 -4.04 -12.70
CA LEU A 113 19.59 -3.22 -11.87
C LEU A 113 18.68 -2.41 -12.76
N VAL A 114 17.35 -2.60 -12.61
CA VAL A 114 16.39 -1.81 -13.37
C VAL A 114 15.89 -0.62 -12.52
N LEU A 115 16.14 0.59 -13.01
CA LEU A 115 15.63 1.81 -12.41
C LEU A 115 14.29 2.19 -13.05
N PRO A 116 13.42 2.96 -12.33
CA PRO A 116 12.12 3.32 -12.91
C PRO A 116 12.23 4.18 -14.15
N GLU A 117 13.14 5.15 -14.11
CA GLU A 117 13.39 6.03 -15.24
C GLU A 117 14.81 6.61 -15.22
N TYR A 118 15.12 7.41 -16.24
CA TYR A 118 16.28 8.27 -16.24
C TYR A 118 16.17 9.21 -15.02
N ASN A 119 17.16 9.10 -14.13
CA ASN A 119 17.17 9.90 -12.92
C ASN A 119 18.63 10.06 -12.56
N THR A 120 19.17 11.22 -12.92
CA THR A 120 20.60 11.44 -12.91
C THR A 120 21.20 11.32 -11.49
N PRO A 121 20.73 12.13 -10.50
CA PRO A 121 21.33 11.93 -9.18
C PRO A 121 21.21 10.50 -8.65
N LEU A 122 20.11 9.82 -8.92
CA LEU A 122 19.94 8.47 -8.33
C LEU A 122 20.85 7.43 -9.03
N TYR A 123 20.96 7.53 -10.35
CA TYR A 123 21.92 6.66 -11.10
C TYR A 123 23.37 6.84 -10.55
N TYR A 124 23.87 8.07 -10.56
CA TYR A 124 25.27 8.31 -10.11
C TYR A 124 25.55 7.85 -8.69
N LYS A 125 24.58 7.99 -7.76
CA LYS A 125 24.74 7.54 -6.37
C LYS A 125 24.81 6.03 -6.25
N LEU A 126 23.95 5.36 -6.99
CA LEU A 126 23.92 3.92 -7.00
C LEU A 126 25.08 3.34 -7.84
N LYS A 127 25.25 3.88 -9.05
CA LYS A 127 26.32 3.39 -9.96
C LYS A 127 27.63 3.51 -9.22
N SER A 128 27.91 4.70 -8.70
CA SER A 128 29.11 4.86 -7.88
C SER A 128 29.20 3.83 -6.76
N TYR A 129 28.13 3.57 -6.04
CA TYR A 129 28.18 2.53 -4.97
C TYR A 129 28.45 1.10 -5.53
N LEU A 130 27.83 0.77 -6.65
CA LEU A 130 28.09 -0.57 -7.25
C LEU A 130 29.52 -0.79 -7.84
N ILE A 131 30.03 0.23 -8.54
CA ILE A 131 31.40 0.14 -9.12
C ILE A 131 32.39 -0.25 -8.02
N ASN A 132 32.23 0.36 -6.85
CA ASN A 132 33.04 -0.08 -5.66
C ASN A 132 32.75 -1.46 -5.03
N SER A 133 31.73 -2.17 -5.52
CA SER A 133 31.35 -3.49 -4.91
C SER A 133 31.41 -4.70 -5.90
N ILE A 134 30.85 -4.55 -7.08
CA ILE A 134 30.51 -5.74 -7.88
C ILE A 134 30.22 -5.30 -9.32
N PRO A 135 30.55 -6.15 -10.34
CA PRO A 135 30.19 -5.70 -11.71
C PRO A 135 28.70 -5.42 -11.83
N SER A 136 28.35 -4.35 -12.52
CA SER A 136 26.92 -4.01 -12.64
C SER A 136 26.54 -3.40 -13.98
N GLN A 137 25.25 -3.60 -14.34
CA GLN A 137 24.66 -3.12 -15.59
C GLN A 137 23.33 -2.51 -15.21
N PHE A 138 23.14 -1.23 -15.49
CA PHE A 138 21.83 -0.57 -15.19
C PHE A 138 20.97 -0.58 -16.43
N MET A 139 19.65 -0.40 -16.22
CA MET A 139 18.63 -0.38 -17.25
C MET A 139 17.50 0.54 -16.78
N ARG A 140 16.69 1.05 -17.70
CA ARG A 140 15.56 1.91 -17.30
C ARG A 140 14.26 1.21 -17.64
N TYR A 141 13.42 1.07 -16.63
CA TYR A 141 12.13 0.40 -16.81
C TYR A 141 11.29 1.06 -17.91
N ASP A 142 11.21 2.39 -17.86
CA ASP A 142 10.33 3.19 -18.72
C ASP A 142 10.72 3.15 -20.19
N ILE A 143 11.95 2.72 -20.48
CA ILE A 143 12.51 2.66 -21.83
C ILE A 143 12.27 1.31 -22.52
N LEU A 144 12.08 0.26 -21.74
CA LEU A 144 11.86 -1.09 -22.28
C LEU A 144 10.69 -1.09 -23.25
N SER A 145 10.80 -1.93 -24.27
CA SER A 145 9.72 -2.11 -25.20
C SER A 145 9.87 -3.46 -25.88
N ASN A 146 8.74 -4.06 -26.20
CA ASN A 146 8.70 -5.25 -27.03
C ASN A 146 9.46 -5.10 -28.36
N ARG A 147 9.27 -3.97 -29.04
CA ARG A 147 9.91 -3.79 -30.35
C ARG A 147 11.45 -3.78 -30.29
N ASN A 148 12.01 -3.20 -29.22
CA ASN A 148 13.47 -3.00 -29.14
C ASN A 148 14.23 -4.01 -28.26
N LEU A 149 13.49 -4.89 -27.61
CA LEU A 149 14.05 -5.72 -26.56
C LEU A 149 15.22 -6.65 -27.00
N THR A 150 15.12 -7.31 -28.15
CA THR A 150 16.25 -8.10 -28.64
C THR A 150 17.50 -7.24 -28.83
N PHE A 151 17.36 -6.06 -29.45
CA PHE A 151 18.52 -5.25 -29.77
C PHE A 151 19.05 -4.73 -28.49
N TYR A 152 18.12 -4.36 -27.61
CA TYR A 152 18.43 -3.82 -26.31
C TYR A 152 19.31 -4.82 -25.50
N VAL A 153 18.80 -6.02 -25.34
CA VAL A 153 19.51 -7.07 -24.60
C VAL A 153 20.82 -7.47 -25.28
N ASP A 154 20.84 -7.62 -26.58
CA ASP A 154 22.14 -7.97 -27.23
C ASP A 154 23.24 -7.00 -26.99
N ASN A 155 22.92 -5.71 -27.05
CA ASN A 155 23.89 -4.67 -26.81
C ASN A 155 24.38 -4.57 -25.40
N LEU A 156 23.44 -4.57 -24.46
CA LEU A 156 23.65 -4.61 -23.03
C LEU A 156 24.56 -5.75 -22.56
N LEU A 157 24.37 -6.95 -23.14
CA LEU A 157 25.22 -8.06 -22.73
C LEU A 157 26.66 -7.86 -23.19
N VAL A 158 26.89 -7.12 -24.29
CA VAL A 158 28.31 -6.88 -24.72
C VAL A 158 29.03 -6.23 -23.55
N GLN A 159 28.42 -5.18 -23.04
CA GLN A 159 29.07 -4.40 -21.99
C GLN A 159 29.05 -5.17 -20.68
N PHE A 160 27.96 -5.91 -20.38
CA PHE A 160 27.87 -6.66 -19.11
C PHE A 160 28.84 -7.84 -19.05
N VAL A 161 28.98 -8.60 -20.14
CA VAL A 161 30.00 -9.67 -20.19
C VAL A 161 31.42 -9.12 -19.98
N SER A 162 31.70 -7.97 -20.60
CA SER A 162 32.97 -7.28 -20.43
C SER A 162 33.23 -6.89 -18.96
N LYS A 163 32.21 -6.32 -18.34
CA LYS A 163 32.24 -5.93 -16.91
C LYS A 163 32.45 -7.14 -15.96
N LEU A 164 31.98 -8.30 -16.37
CA LEU A 164 32.22 -9.57 -15.68
C LEU A 164 33.63 -10.14 -15.94
N GLY A 165 34.43 -9.47 -16.76
CA GLY A 165 35.80 -9.96 -17.03
C GLY A 165 35.92 -10.77 -18.29
N GLY A 166 34.86 -10.86 -19.09
CA GLY A 166 34.95 -11.61 -20.39
C GLY A 166 35.62 -10.74 -21.43
N LYS A 167 36.04 -11.34 -22.55
CA LYS A 167 36.61 -10.55 -23.64
C LYS A 167 35.71 -10.89 -24.86
N PRO A 168 34.72 -10.04 -25.19
CA PRO A 168 33.83 -10.40 -26.33
C PRO A 168 34.57 -10.79 -27.62
N TRP A 169 35.52 -9.95 -28.05
CA TRP A 169 36.31 -10.14 -29.27
C TRP A 169 37.55 -9.24 -29.16
N ILE A 170 38.61 -9.59 -29.88
CA ILE A 170 39.81 -8.74 -29.93
C ILE A 170 40.11 -8.41 -31.40
N LEU A 171 40.96 -7.40 -31.64
CA LEU A 171 41.41 -7.06 -32.98
C LEU A 171 42.44 -8.13 -33.41
N ASN A 172 42.21 -8.75 -34.58
CA ASN A 172 43.31 -9.51 -35.24
C ASN A 172 44.34 -8.62 -35.86
N VAL A 173 45.48 -8.45 -35.19
CA VAL A 173 46.48 -7.57 -35.75
C VAL A 173 47.76 -8.42 -35.92
N ASP A 174 48.71 -7.94 -36.73
CA ASP A 174 49.96 -8.65 -36.94
C ASP A 174 50.86 -8.50 -35.69
N PRO A 175 51.19 -9.61 -34.98
CA PRO A 175 52.02 -9.45 -33.77
C PRO A 175 53.42 -8.84 -33.95
N GLU A 176 53.88 -8.72 -35.21
CA GLU A 176 55.19 -8.16 -35.52
C GLU A 176 55.17 -6.64 -35.73
N LYS A 177 53.98 -6.05 -35.76
CA LYS A 177 53.79 -4.63 -36.01
C LYS A 177 53.12 -3.89 -34.82
N GLY A 178 53.36 -2.60 -34.71
CA GLY A 178 52.73 -1.78 -33.66
C GLY A 178 53.40 -1.89 -32.30
N SER A 179 52.70 -1.39 -31.29
CA SER A 179 53.33 -1.15 -30.00
C SER A 179 53.22 -2.37 -29.10
N ASP A 180 54.20 -2.57 -28.20
CA ASP A 180 54.03 -3.61 -27.19
C ASP A 180 52.93 -3.26 -26.21
N ILE A 181 52.93 -2.00 -25.80
CA ILE A 181 51.77 -1.37 -25.09
C ILE A 181 51.51 0.02 -25.59
N ILE A 182 50.22 0.40 -25.51
CA ILE A 182 49.84 1.76 -25.77
C ILE A 182 49.28 2.32 -24.44
N ILE A 183 49.74 3.49 -24.05
CA ILE A 183 49.19 4.08 -22.83
C ILE A 183 48.31 5.27 -23.22
N GLY A 184 47.01 5.16 -22.98
CA GLY A 184 46.19 6.30 -23.19
C GLY A 184 46.21 7.11 -21.89
N THR A 185 46.54 8.39 -22.00
CA THR A 185 46.79 9.30 -20.86
C THR A 185 46.42 10.76 -21.17
N GLY A 186 46.32 11.59 -20.13
CA GLY A 186 46.02 13.01 -20.27
C GLY A 186 45.18 13.35 -19.03
N ALA A 187 44.17 14.19 -19.23
CA ALA A 187 43.26 14.59 -18.14
C ALA A 187 42.05 15.15 -18.73
N THR A 188 41.03 15.32 -17.89
CA THR A 188 39.73 15.83 -18.26
C THR A 188 39.32 16.83 -17.14
N ARG A 189 39.15 18.10 -17.54
CA ARG A 189 38.54 19.12 -16.68
C ARG A 189 37.09 18.77 -16.43
N ILE A 190 36.69 18.79 -15.18
CA ILE A 190 35.33 18.52 -14.84
C ILE A 190 34.49 19.78 -14.64
N ASP A 191 35.18 20.92 -14.59
CA ASP A 191 34.61 22.21 -14.48
C ASP A 191 35.76 23.14 -14.77
N ASN A 192 35.58 24.42 -14.47
CA ASN A 192 36.60 25.40 -14.78
C ASN A 192 37.91 25.27 -13.96
N VAL A 193 37.86 24.58 -12.84
CA VAL A 193 38.99 24.51 -11.90
C VAL A 193 39.53 23.06 -11.66
N ASN A 194 38.64 22.10 -11.54
CA ASN A 194 38.99 20.77 -11.12
C ASN A 194 39.15 19.83 -12.32
N LEU A 195 40.03 18.85 -12.14
CA LEU A 195 40.25 17.85 -13.23
C LEU A 195 40.64 16.52 -12.60
N PHE A 196 40.82 15.46 -13.41
CA PHE A 196 41.38 14.20 -12.87
C PHE A 196 42.26 13.78 -14.06
N CYS A 197 43.38 13.13 -13.74
CA CYS A 197 44.27 12.51 -14.71
C CYS A 197 43.93 11.04 -14.89
N PHE A 198 44.21 10.47 -16.04
CA PHE A 198 43.94 9.05 -16.22
C PHE A 198 45.17 8.49 -16.96
N ALA A 199 45.35 7.20 -16.83
CA ALA A 199 46.37 6.47 -17.63
C ALA A 199 45.81 5.05 -17.78
N MET A 200 45.74 4.58 -19.01
CA MET A 200 45.20 3.22 -19.27
C MET A 200 46.12 2.51 -20.23
N VAL A 201 46.52 1.30 -19.85
CA VAL A 201 47.43 0.53 -20.70
C VAL A 201 46.60 -0.45 -21.50
N PHE A 202 46.90 -0.45 -22.79
CA PHE A 202 46.27 -1.38 -23.75
C PHE A 202 47.32 -2.21 -24.48
N LYS A 203 46.92 -3.43 -24.82
CA LYS A 203 47.54 -4.31 -25.81
C LYS A 203 47.20 -3.84 -27.22
N LYS A 204 48.05 -4.14 -28.19
CA LYS A 204 47.80 -3.73 -29.56
C LYS A 204 46.49 -4.32 -30.12
N ASP A 205 45.96 -5.36 -29.49
CA ASP A 205 44.73 -5.99 -29.91
C ASP A 205 43.49 -5.26 -29.31
N GLY A 206 43.72 -4.13 -28.60
CA GLY A 206 42.58 -3.34 -28.12
C GLY A 206 42.10 -3.65 -26.72
N THR A 207 42.69 -4.64 -26.10
CA THR A 207 42.30 -5.06 -24.76
C THR A 207 42.93 -4.12 -23.72
N MET A 208 42.11 -3.61 -22.79
CA MET A 208 42.64 -2.87 -21.64
C MET A 208 43.33 -3.77 -20.59
N LEU A 209 44.62 -3.54 -20.33
CA LEU A 209 45.32 -4.32 -19.32
C LEU A 209 45.26 -3.73 -17.92
N TRP A 210 45.24 -2.41 -17.79
CA TRP A 210 45.31 -1.83 -16.43
C TRP A 210 44.91 -0.41 -16.59
N ASN A 211 44.27 0.18 -15.58
CA ASN A 211 43.82 1.55 -15.65
C ASN A 211 43.96 2.19 -14.26
N GLU A 212 44.42 3.43 -14.25
CA GLU A 212 44.54 4.25 -13.01
C GLU A 212 43.97 5.61 -13.22
N ILE A 213 43.26 6.12 -12.22
CA ILE A 213 42.73 7.47 -12.34
C ILE A 213 43.14 8.25 -11.10
N SER A 214 43.47 9.52 -11.27
CA SER A 214 43.88 10.30 -10.10
C SER A 214 42.65 10.71 -9.27
N PRO A 215 42.89 11.18 -8.02
CA PRO A 215 41.78 11.91 -7.39
C PRO A 215 41.49 13.20 -8.16
N ILE A 216 40.36 13.79 -7.85
CA ILE A 216 40.03 15.08 -8.40
C ILE A 216 40.94 16.12 -7.74
N VAL A 217 41.56 16.94 -8.58
CA VAL A 217 42.59 17.89 -8.15
C VAL A 217 42.34 19.17 -8.89
N THR A 218 43.01 20.26 -8.52
CA THR A 218 42.87 21.50 -9.27
C THR A 218 43.83 21.58 -10.45
N SER A 219 43.56 22.48 -11.41
CA SER A 219 44.43 22.63 -12.58
C SER A 219 45.87 22.83 -12.23
N SER A 220 46.14 23.53 -11.12
CA SER A 220 47.52 23.77 -10.75
C SER A 220 48.32 22.50 -10.43
N GLU A 221 47.66 21.37 -10.13
CA GLU A 221 48.36 20.14 -9.72
C GLU A 221 48.44 19.13 -10.90
N TYR A 222 48.10 19.61 -12.06
CA TYR A 222 47.92 18.71 -13.19
C TYR A 222 49.20 17.94 -13.53
N LEU A 223 50.31 18.67 -13.72
CA LEU A 223 51.52 17.94 -14.17
C LEU A 223 52.01 16.95 -13.12
N THR A 224 51.93 17.33 -11.84
CA THR A 224 52.36 16.30 -10.87
C THR A 224 51.52 15.01 -10.85
N TYR A 225 50.21 15.14 -11.00
CA TYR A 225 49.36 13.96 -10.95
C TYR A 225 49.37 13.17 -12.27
N LEU A 226 49.74 13.83 -13.35
CA LEU A 226 49.85 13.20 -14.68
C LEU A 226 51.00 12.20 -14.58
N LYS A 227 52.15 12.68 -14.13
CA LYS A 227 53.27 11.79 -13.92
C LYS A 227 52.97 10.64 -12.96
N SER A 228 52.43 10.94 -11.77
CA SER A 228 52.23 9.89 -10.76
C SER A 228 51.19 8.88 -11.27
N THR A 229 50.20 9.33 -12.04
CA THR A 229 49.14 8.42 -12.52
C THR A 229 49.72 7.45 -13.53
N ILE A 230 50.52 7.98 -14.45
CA ILE A 230 51.20 7.14 -15.47
C ILE A 230 52.14 6.18 -14.76
N LYS A 231 52.95 6.66 -13.81
CA LYS A 231 53.83 5.76 -13.05
C LYS A 231 53.07 4.64 -12.40
N LYS A 232 51.94 4.96 -11.74
CA LYS A 232 51.12 3.95 -11.05
C LYS A 232 50.55 2.93 -12.01
N VAL A 233 50.13 3.36 -13.18
CA VAL A 233 49.50 2.39 -14.12
C VAL A 233 50.57 1.41 -14.63
N VAL A 234 51.75 1.92 -14.92
CA VAL A 234 52.84 1.02 -15.40
C VAL A 234 53.32 0.05 -14.29
N TYR A 235 53.47 0.55 -13.04
CA TYR A 235 53.87 -0.31 -11.93
C TYR A 235 52.88 -1.43 -11.81
N GLY A 236 51.59 -1.11 -11.93
CA GLY A 236 50.53 -2.09 -11.83
C GLY A 236 50.47 -3.06 -13.00
N PHE A 237 50.62 -2.58 -14.23
CA PHE A 237 50.79 -3.46 -15.41
C PHE A 237 51.99 -4.41 -15.20
N LYS A 238 53.10 -3.82 -14.78
CA LYS A 238 54.35 -4.59 -14.70
C LYS A 238 54.34 -5.59 -13.53
N LYS A 239 53.79 -5.19 -12.38
CA LYS A 239 53.62 -6.15 -11.28
C LYS A 239 52.80 -7.36 -11.71
N SER A 240 51.71 -7.14 -12.42
CA SER A 240 50.88 -8.25 -12.87
C SER A 240 51.40 -8.90 -14.18
N ASN A 241 52.30 -8.26 -14.90
CA ASN A 241 52.83 -8.81 -16.16
C ASN A 241 54.37 -8.71 -16.17
N PRO A 242 55.06 -9.44 -15.27
CA PRO A 242 56.48 -9.14 -15.01
C PRO A 242 57.40 -9.42 -16.20
N ASP A 243 56.98 -10.36 -17.05
CA ASP A 243 57.75 -10.78 -18.22
C ASP A 243 57.37 -10.04 -19.52
N TRP A 244 56.32 -9.21 -19.48
CA TRP A 244 55.86 -8.44 -20.65
C TRP A 244 56.88 -7.34 -21.00
N ASP A 245 57.79 -7.62 -21.92
CA ASP A 245 58.80 -6.64 -22.29
C ASP A 245 58.16 -5.54 -23.08
N VAL A 246 58.62 -4.33 -22.81
CA VAL A 246 58.25 -3.27 -23.72
C VAL A 246 59.39 -2.57 -24.36
N GLU A 247 59.56 -2.90 -25.64
CA GLU A 247 60.57 -2.36 -26.50
C GLU A 247 60.01 -1.28 -27.37
N LYS A 248 58.67 -1.25 -27.53
CA LYS A 248 58.03 -0.24 -28.41
C LYS A 248 56.84 0.26 -27.59
N LEU A 249 56.85 1.55 -27.32
CA LEU A 249 55.90 2.16 -26.41
C LEU A 249 55.27 3.31 -27.14
N THR A 250 53.94 3.45 -27.10
CA THR A 250 53.34 4.67 -27.59
C THR A 250 52.42 5.26 -26.53
N LEU A 251 52.44 6.59 -26.41
CA LEU A 251 51.45 7.26 -25.57
C LEU A 251 50.47 7.92 -26.48
N HIS A 252 49.21 7.81 -26.16
CA HIS A 252 48.15 8.54 -26.86
C HIS A 252 47.56 9.54 -25.84
N VAL A 253 47.90 10.81 -26.00
CA VAL A 253 47.51 11.86 -25.02
C VAL A 253 46.26 12.50 -25.53
N SER A 254 45.25 12.59 -24.67
CA SER A 254 43.99 13.21 -25.04
C SER A 254 43.35 13.90 -23.85
N GLY A 255 42.20 14.51 -24.11
CA GLY A 255 41.34 15.12 -23.07
C GLY A 255 41.39 16.65 -23.04
N LYS A 256 40.27 17.25 -22.60
CA LYS A 256 40.18 18.70 -22.39
C LYS A 256 40.95 18.98 -21.12
N ARG A 257 42.17 19.48 -21.25
CA ARG A 257 43.08 19.61 -20.10
C ARG A 257 43.78 20.95 -20.16
N PRO A 258 44.56 21.32 -19.12
CA PRO A 258 45.23 22.62 -19.16
C PRO A 258 46.17 22.77 -20.38
N LYS A 259 46.21 23.96 -20.98
CA LYS A 259 47.12 24.17 -22.12
C LYS A 259 48.52 24.54 -21.65
N MET A 260 49.41 23.58 -21.83
CA MET A 260 50.68 23.54 -21.13
C MET A 260 51.50 22.57 -21.93
N LYS A 261 51.45 22.65 -23.26
CA LYS A 261 51.96 21.60 -24.15
C LYS A 261 53.42 21.24 -23.99
N ASP A 262 54.27 22.25 -23.99
CA ASP A 262 55.70 22.00 -23.89
C ASP A 262 56.08 21.48 -22.50
N GLY A 263 55.48 22.04 -21.46
CA GLY A 263 55.72 21.54 -20.08
C GLY A 263 55.17 20.12 -19.89
N GLU A 264 54.01 19.86 -20.47
CA GLU A 264 53.41 18.53 -20.45
C GLU A 264 54.28 17.53 -21.21
N THR A 265 54.78 17.90 -22.40
CA THR A 265 55.62 16.97 -23.17
C THR A 265 56.90 16.70 -22.37
N LYS A 266 57.41 17.76 -21.74
CA LYS A 266 58.65 17.58 -20.98
C LYS A 266 58.51 16.56 -19.83
N ILE A 267 57.45 16.67 -19.05
CA ILE A 267 57.13 15.76 -17.94
C ILE A 267 56.83 14.29 -18.39
N LEU A 268 56.22 14.18 -19.54
CA LEU A 268 55.93 12.83 -20.13
C LEU A 268 57.25 12.15 -20.54
N LYS A 269 58.19 12.87 -21.19
CA LYS A 269 59.53 12.29 -21.48
C LYS A 269 60.24 11.92 -20.20
N GLU A 270 60.23 12.79 -19.17
CA GLU A 270 60.80 12.45 -17.85
C GLU A 270 60.23 11.19 -17.27
N THR A 271 58.92 11.04 -17.38
CA THR A 271 58.23 9.87 -16.84
C THR A 271 58.70 8.63 -17.59
N VAL A 272 58.79 8.70 -18.93
CA VAL A 272 59.32 7.57 -19.76
C VAL A 272 60.76 7.29 -19.30
N GLU A 273 61.56 8.33 -19.15
CA GLU A 273 62.94 8.12 -18.62
C GLU A 273 63.01 7.48 -17.24
N GLU A 274 62.12 7.88 -16.33
CA GLU A 274 62.08 7.28 -15.01
C GLU A 274 61.70 5.83 -15.09
N LEU A 275 60.73 5.51 -15.96
CA LEU A 275 60.31 4.10 -16.08
C LEU A 275 61.43 3.22 -16.67
N LYS A 276 62.15 3.82 -17.59
CA LYS A 276 63.37 3.15 -18.14
C LYS A 276 64.36 2.86 -17.03
N LYS A 277 64.69 3.86 -16.21
CA LYS A 277 65.62 3.71 -15.05
C LYS A 277 65.19 2.60 -14.10
N GLN A 278 63.86 2.51 -13.88
CA GLN A 278 63.30 1.53 -12.93
C GLN A 278 63.05 0.17 -13.58
N GLU A 279 63.47 0.00 -14.83
CA GLU A 279 63.35 -1.27 -15.59
C GLU A 279 61.92 -1.68 -15.79
N MET A 280 61.02 -0.68 -15.79
CA MET A 280 59.59 -0.91 -16.06
C MET A 280 59.32 -1.13 -17.56
N VAL A 281 60.02 -0.35 -18.39
CA VAL A 281 60.13 -0.55 -19.83
C VAL A 281 61.65 -0.80 -20.17
N SER A 282 61.91 -1.29 -21.38
CA SER A 282 63.26 -1.40 -21.91
C SER A 282 64.09 -0.11 -21.82
N ARG A 283 65.33 -0.25 -21.38
CA ARG A 283 66.30 0.82 -21.43
C ARG A 283 66.56 1.25 -22.89
N ASP A 284 66.23 0.40 -23.86
CA ASP A 284 66.30 0.85 -25.26
C ASP A 284 64.96 0.94 -25.95
N VAL A 285 63.94 1.21 -25.13
CA VAL A 285 62.60 1.40 -25.63
C VAL A 285 62.60 2.46 -26.73
N LYS A 286 61.88 2.13 -27.80
CA LYS A 286 61.53 3.08 -28.86
C LYS A 286 60.12 3.59 -28.57
N TYR A 287 59.95 4.90 -28.44
CA TYR A 287 58.68 5.44 -28.05
C TYR A 287 58.33 6.70 -28.78
N ALA A 288 57.04 6.97 -28.82
CA ALA A 288 56.56 8.18 -29.36
C ALA A 288 55.44 8.63 -28.42
N ILE A 289 55.37 9.92 -28.29
CA ILE A 289 54.27 10.56 -27.59
C ILE A 289 53.38 11.27 -28.59
N LEU A 290 52.13 10.84 -28.64
CA LEU A 290 51.19 11.40 -29.60
C LEU A 290 50.05 12.16 -28.94
N HIS A 291 49.66 13.28 -29.55
CA HIS A 291 48.39 13.94 -29.21
C HIS A 291 47.36 13.52 -30.23
N LEU A 292 46.23 13.01 -29.74
CA LEU A 292 45.07 12.59 -30.53
C LEU A 292 43.86 13.52 -30.24
N ASN A 293 43.35 14.23 -31.24
CA ASN A 293 42.28 15.21 -31.06
C ASN A 293 41.23 14.99 -32.15
N GLU A 294 39.98 14.89 -31.76
CA GLU A 294 38.85 14.86 -32.68
C GLU A 294 38.81 16.25 -33.30
N THR A 295 38.64 16.31 -34.61
CA THR A 295 38.58 17.60 -35.32
C THR A 295 37.23 17.69 -36.00
N HIS A 296 36.95 18.81 -36.66
CA HIS A 296 35.58 19.00 -37.15
C HIS A 296 35.26 18.01 -38.28
N PRO A 297 34.07 17.40 -38.24
CA PRO A 297 33.68 16.53 -39.36
C PRO A 297 33.66 17.30 -40.70
N PHE A 298 33.84 16.58 -41.80
CA PHE A 298 33.62 17.17 -43.14
C PHE A 298 32.92 16.13 -44.00
N TRP A 299 32.50 16.50 -45.22
CA TRP A 299 31.74 15.59 -46.10
C TRP A 299 32.37 15.54 -47.46
N VAL A 300 32.51 14.34 -48.01
CA VAL A 300 32.98 14.18 -49.37
C VAL A 300 31.73 14.16 -50.24
N MET A 301 31.65 15.11 -51.18
CA MET A 301 30.49 15.24 -52.08
C MET A 301 30.55 14.29 -53.25
N GLY A 302 29.39 13.73 -53.60
CA GLY A 302 29.29 12.59 -54.51
C GLY A 302 30.00 12.65 -55.85
N TYR A 311 37.59 9.39 -48.58
CA TYR A 311 37.70 7.95 -48.28
C TYR A 311 38.00 7.55 -46.79
N GLU A 312 38.43 6.29 -46.57
CA GLU A 312 38.23 5.54 -45.33
C GLU A 312 39.47 4.83 -44.77
N GLY A 313 39.91 5.27 -43.61
CA GLY A 313 41.15 4.78 -43.06
C GLY A 313 42.29 5.36 -43.89
N THR A 314 42.13 6.59 -44.33
CA THR A 314 43.18 7.21 -45.11
C THR A 314 44.09 8.01 -44.18
N LYS A 315 45.39 7.92 -44.46
CA LYS A 315 46.44 8.56 -43.64
C LYS A 315 46.91 9.80 -44.37
N VAL A 316 46.78 10.95 -43.73
CA VAL A 316 47.12 12.22 -44.35
C VAL A 316 48.27 12.86 -43.56
N LYS A 317 49.33 13.26 -44.26
CA LYS A 317 50.44 13.97 -43.63
C LYS A 317 50.26 15.46 -43.85
N LEU A 318 50.28 16.19 -42.76
CA LEU A 318 50.12 17.63 -42.80
C LEU A 318 51.48 18.36 -42.71
N SER A 319 52.37 17.86 -41.87
CA SER A 319 53.80 18.28 -41.78
C SER A 319 54.54 17.06 -41.28
N SER A 320 55.85 17.13 -41.09
CA SER A 320 56.63 15.96 -40.61
C SER A 320 56.05 15.39 -39.29
N LYS A 321 55.45 16.26 -38.50
CA LYS A 321 54.92 15.84 -37.19
C LYS A 321 53.37 15.85 -37.05
N ARG A 322 52.66 16.45 -37.98
CA ARG A 322 51.18 16.52 -37.91
C ARG A 322 50.51 15.63 -38.97
N TYR A 323 49.56 14.80 -38.52
CA TYR A 323 48.89 13.85 -39.39
C TYR A 323 47.39 13.90 -39.10
N LEU A 324 46.61 13.38 -40.04
CA LEU A 324 45.18 13.10 -39.86
C LEU A 324 44.91 11.68 -40.24
N LEU A 325 44.01 11.05 -39.52
CA LEU A 325 43.49 9.80 -39.92
C LEU A 325 42.01 10.02 -40.15
N THR A 326 41.54 9.66 -41.33
CA THR A 326 40.14 9.91 -41.64
C THR A 326 39.35 8.59 -41.60
N LEU A 327 38.18 8.62 -40.97
CA LEU A 327 37.40 7.41 -40.87
C LEU A 327 36.03 7.72 -41.41
N LEU A 328 35.37 6.72 -41.98
CA LEU A 328 33.96 6.85 -42.31
C LEU A 328 33.24 7.18 -41.00
N GLN A 329 32.27 8.08 -41.10
CA GLN A 329 31.51 8.58 -39.94
C GLN A 329 30.08 8.11 -40.06
N MET A 339 25.64 10.54 -52.35
CA MET A 339 25.46 11.99 -52.31
C MET A 339 26.54 12.68 -51.47
N VAL A 340 26.46 12.50 -50.15
CA VAL A 340 27.41 13.07 -49.20
C VAL A 340 27.93 11.94 -48.29
N THR A 341 29.25 11.76 -48.25
CA THR A 341 29.90 10.83 -47.31
C THR A 341 30.50 11.55 -46.08
N PRO A 342 29.92 11.31 -44.88
CA PRO A 342 30.41 12.03 -43.73
C PRO A 342 31.75 11.41 -43.30
N ILE A 343 32.71 12.25 -42.92
CA ILE A 343 34.05 11.78 -42.57
C ILE A 343 34.34 12.23 -41.16
N LYS A 344 34.93 11.33 -40.37
CA LYS A 344 35.28 11.64 -38.99
C LYS A 344 36.81 11.68 -38.89
N PRO A 345 37.36 12.89 -38.79
CA PRO A 345 38.80 13.14 -38.82
C PRO A 345 39.40 13.09 -37.45
N LEU A 346 40.59 12.52 -37.35
CA LEU A 346 41.35 12.49 -36.12
C LEU A 346 42.77 13.04 -36.34
N SER A 347 43.06 14.13 -35.65
CA SER A 347 44.33 14.75 -35.72
C SER A 347 45.33 13.97 -34.84
N VAL A 348 46.49 13.65 -35.38
CA VAL A 348 47.54 12.90 -34.70
C VAL A 348 48.86 13.68 -34.83
N GLU A 349 49.39 14.17 -33.69
CA GLU A 349 50.62 14.95 -33.72
C GLU A 349 51.66 14.19 -32.95
N ILE A 350 52.85 14.02 -33.53
CA ILE A 350 53.96 13.33 -32.82
C ILE A 350 54.71 14.42 -32.06
N VAL A 351 54.45 14.58 -30.78
CA VAL A 351 55.04 15.72 -30.07
C VAL A 351 56.46 15.30 -29.55
N SER A 352 56.74 14.01 -29.51
CA SER A 352 58.05 13.51 -29.06
C SER A 352 58.31 12.07 -29.48
N ASP A 353 59.54 11.78 -29.86
CA ASP A 353 59.89 10.43 -30.19
C ASP A 353 61.42 10.30 -30.13
N ASN A 354 61.92 9.07 -30.00
CA ASN A 354 63.35 8.81 -30.19
C ASN A 354 63.57 7.88 -31.38
N TRP A 355 62.76 8.06 -32.42
CA TRP A 355 62.91 7.22 -33.62
C TRP A 355 64.12 7.70 -34.40
N THR A 356 64.78 6.78 -35.11
CA THR A 356 65.83 7.19 -36.04
C THR A 356 65.21 7.72 -37.35
N SER A 357 65.89 8.63 -38.03
CA SER A 357 65.27 9.19 -39.23
C SER A 357 65.06 8.13 -40.31
N GLU A 358 65.85 7.06 -40.28
CA GLU A 358 65.72 5.95 -41.25
C GLU A 358 64.49 5.07 -41.04
N GLU A 359 64.09 4.89 -39.77
CA GLU A 359 62.90 4.09 -39.40
C GLU A 359 61.64 4.95 -39.31
N TYR A 360 61.82 6.27 -39.41
CA TYR A 360 60.77 7.23 -39.13
C TYR A 360 59.49 6.99 -39.91
N TYR A 361 59.64 6.81 -41.22
CA TYR A 361 58.51 6.76 -42.16
C TYR A 361 57.72 5.48 -41.89
N HIS A 362 58.47 4.41 -41.65
CA HIS A 362 57.96 3.10 -41.32
C HIS A 362 57.14 3.16 -40.01
N ASN A 363 57.73 3.82 -39.02
CA ASN A 363 57.10 3.95 -37.70
C ASN A 363 55.83 4.76 -37.72
N VAL A 364 55.80 5.80 -38.55
CA VAL A 364 54.61 6.65 -38.75
C VAL A 364 53.47 5.79 -39.35
N HIS A 365 53.75 5.06 -40.44
CA HIS A 365 52.73 4.11 -40.89
C HIS A 365 52.23 3.16 -39.79
N GLU A 366 53.15 2.57 -39.03
CA GLU A 366 52.77 1.65 -37.96
C GLU A 366 51.88 2.30 -36.87
N ILE A 367 52.26 3.48 -36.37
CA ILE A 367 51.44 4.13 -35.34
C ILE A 367 50.06 4.53 -35.90
N LEU A 368 50.02 4.97 -37.16
CA LEU A 368 48.73 5.38 -37.77
C LEU A 368 47.80 4.18 -38.05
N ASP A 369 48.35 3.11 -38.59
CA ASP A 369 47.59 1.89 -38.75
C ASP A 369 47.06 1.37 -37.38
N GLU A 370 47.90 1.46 -36.33
CA GLU A 370 47.50 1.05 -35.01
C GLU A 370 46.31 1.87 -34.44
N ILE A 371 46.33 3.18 -34.64
CA ILE A 371 45.24 4.09 -34.28
C ILE A 371 43.94 3.71 -35.05
N TYR A 372 44.09 3.42 -36.34
CA TYR A 372 42.95 2.91 -37.13
C TYR A 372 42.48 1.58 -36.54
N TYR A 373 43.36 0.61 -36.24
CA TYR A 373 42.83 -0.63 -35.65
C TYR A 373 42.06 -0.38 -34.31
N LEU A 374 42.66 0.44 -33.45
CA LEU A 374 42.09 0.71 -32.14
C LEU A 374 40.75 1.45 -32.19
N SER A 375 40.48 2.13 -33.31
CA SER A 375 39.25 2.87 -33.53
C SER A 375 38.07 1.93 -33.84
N LYS A 376 38.36 0.67 -34.14
CA LYS A 376 37.41 -0.39 -34.30
C LYS A 376 37.11 -1.23 -33.06
N MET A 377 37.77 -0.93 -31.93
CA MET A 377 37.56 -1.68 -30.72
C MET A 377 36.61 -0.86 -29.81
N ASN A 378 35.45 -1.42 -29.48
CA ASN A 378 34.49 -0.79 -28.58
C ASN A 378 33.69 -1.89 -27.92
N TRP A 379 33.87 -2.14 -26.61
CA TRP A 379 33.03 -3.13 -25.94
C TRP A 379 31.75 -2.57 -25.25
N ARG A 380 31.41 -1.33 -25.57
CA ARG A 380 30.15 -0.71 -25.10
C ARG A 380 28.94 -1.27 -25.86
N GLY A 381 29.18 -1.87 -27.03
CA GLY A 381 28.06 -2.43 -27.86
C GLY A 381 28.65 -3.03 -29.14
N PHE A 382 27.80 -3.59 -30.00
CA PHE A 382 28.25 -4.18 -31.24
C PHE A 382 28.85 -3.17 -32.24
N ARG A 383 28.28 -1.97 -32.28
CA ARG A 383 28.68 -0.96 -33.22
C ARG A 383 29.95 -0.22 -32.82
N SER A 384 30.93 -0.31 -33.72
CA SER A 384 32.19 0.41 -33.60
C SER A 384 31.89 1.92 -33.47
N ARG A 385 32.62 2.56 -32.57
CA ARG A 385 32.55 3.99 -32.36
C ARG A 385 33.41 4.76 -33.41
N ASN A 386 34.31 4.08 -34.13
CA ASN A 386 35.32 4.73 -35.00
C ASN A 386 36.11 5.85 -34.27
N LEU A 387 36.46 5.58 -33.04
CA LEU A 387 37.28 6.46 -32.24
C LEU A 387 38.21 5.56 -31.47
N PRO A 388 39.51 5.90 -31.45
CA PRO A 388 40.42 4.99 -30.76
C PRO A 388 39.97 4.73 -29.35
N VAL A 389 39.99 3.47 -28.97
CA VAL A 389 39.64 2.98 -27.65
C VAL A 389 40.46 3.70 -26.53
N THR A 390 41.76 3.94 -26.81
CA THR A 390 42.66 4.75 -25.97
C THR A 390 42.19 6.20 -25.71
N VAL A 391 41.30 6.74 -26.57
CA VAL A 391 40.64 8.04 -26.36
C VAL A 391 39.20 7.89 -25.79
N ASN A 392 38.47 6.89 -26.31
CA ASN A 392 37.08 6.67 -25.99
C ASN A 392 36.91 6.20 -24.55
N TYR A 393 37.72 5.22 -24.06
CA TYR A 393 37.45 4.67 -22.72
C TYR A 393 37.72 5.78 -21.66
N PRO A 394 38.77 6.56 -21.82
CA PRO A 394 38.89 7.73 -20.88
C PRO A 394 37.75 8.74 -20.85
N LYS A 395 37.10 8.98 -21.99
CA LYS A 395 35.88 9.80 -22.08
C LYS A 395 34.78 9.16 -21.25
N LEU A 396 34.58 7.84 -21.36
CA LEU A 396 33.57 7.16 -20.53
C LEU A 396 33.84 7.31 -19.03
N VAL A 397 35.09 7.20 -18.63
CA VAL A 397 35.46 7.39 -17.20
C VAL A 397 35.13 8.80 -16.72
N ALA A 398 35.49 9.79 -17.54
CA ALA A 398 35.28 11.24 -17.30
C ALA A 398 33.87 11.57 -16.96
N GLY A 399 32.96 11.11 -17.81
CA GLY A 399 31.52 11.21 -17.54
C GLY A 399 31.08 10.77 -16.15
N ILE A 400 31.61 9.66 -15.68
CA ILE A 400 31.28 9.13 -14.37
C ILE A 400 31.91 9.93 -13.25
N ILE A 401 33.25 10.10 -13.28
CA ILE A 401 34.02 10.89 -12.25
C ILE A 401 33.46 12.32 -12.12
N ALA A 402 33.14 12.95 -13.23
CA ALA A 402 32.59 14.32 -13.22
C ALA A 402 31.20 14.39 -12.57
N ASN A 403 30.29 13.45 -12.93
CA ASN A 403 28.91 13.45 -12.44
C ASN A 403 28.79 12.83 -11.05
N VAL A 404 29.59 11.82 -10.74
CA VAL A 404 29.65 11.37 -9.33
C VAL A 404 30.02 12.51 -8.39
N ASN A 405 30.96 13.37 -8.80
CA ASN A 405 31.32 14.57 -8.03
C ASN A 405 30.15 15.58 -7.90
N ARG A 406 29.54 15.91 -9.06
CA ARG A 406 28.43 16.85 -9.17
C ARG A 406 27.16 16.43 -8.42
N TYR A 407 26.90 15.13 -8.31
CA TYR A 407 25.71 14.62 -7.60
C TYR A 407 26.08 13.91 -6.30
N GLY A 408 27.28 14.23 -5.79
CA GLY A 408 27.78 13.70 -4.54
C GLY A 408 27.47 12.22 -4.30
N GLY A 409 27.95 11.36 -5.20
CA GLY A 409 27.90 9.91 -5.04
C GLY A 409 29.07 9.42 -4.19
N TYR A 410 29.43 8.15 -4.34
CA TYR A 410 30.63 7.59 -3.72
C TYR A 410 31.85 7.72 -4.65
N PRO A 411 32.97 8.36 -4.18
CA PRO A 411 34.20 8.38 -5.00
C PRO A 411 34.72 6.98 -5.49
N ILE A 412 35.29 6.97 -6.69
CA ILE A 412 35.67 5.72 -7.33
C ILE A 412 36.99 5.16 -6.77
N ARG A 418 41.01 -3.71 -6.62
CA ARG A 418 41.80 -4.36 -7.67
C ARG A 418 41.03 -4.96 -8.90
N SER A 419 39.76 -5.32 -8.73
CA SER A 419 39.00 -5.69 -9.92
C SER A 419 38.79 -4.42 -10.81
N LEU A 420 38.92 -3.25 -10.20
CA LEU A 420 38.71 -1.99 -10.91
C LEU A 420 39.80 -1.66 -11.90
N GLN A 421 41.05 -1.94 -11.50
CA GLN A 421 42.21 -1.73 -12.36
C GLN A 421 42.22 -2.52 -13.63
N THR A 422 41.60 -3.70 -13.63
CA THR A 422 41.74 -4.62 -14.74
C THR A 422 40.41 -4.83 -15.48
N ASN A 423 39.35 -4.21 -14.99
CA ASN A 423 38.04 -4.39 -15.60
C ASN A 423 37.41 -3.11 -16.12
N PRO A 424 36.61 -3.23 -17.20
CA PRO A 424 36.09 -2.01 -17.80
C PRO A 424 34.75 -1.61 -17.16
N TRP A 425 34.83 -1.15 -15.88
CA TRP A 425 33.67 -0.79 -15.09
C TRP A 425 32.92 0.41 -15.65
N PHE A 426 33.58 1.21 -16.49
CA PHE A 426 33.04 2.45 -17.00
C PHE A 426 32.17 2.30 -18.30
N LEU A 427 32.01 1.06 -18.79
CA LEU A 427 31.32 0.86 -20.05
C LEU A 427 29.82 1.17 -19.88
N LEU B 11 -47.04 -20.10 21.66
CA LEU B 11 -46.29 -18.87 21.24
C LEU B 11 -45.22 -19.16 20.19
N THR B 12 -45.37 -18.46 19.05
CA THR B 12 -44.43 -18.52 17.97
C THR B 12 -44.14 -17.05 17.56
N TYR B 13 -43.06 -16.85 16.80
CA TYR B 13 -42.72 -15.57 16.20
C TYR B 13 -43.19 -15.57 14.74
N ARG B 14 -43.92 -14.55 14.31
CA ARG B 14 -44.25 -14.37 12.90
C ARG B 14 -43.10 -13.61 12.16
N ILE B 15 -42.57 -14.21 11.09
CA ILE B 15 -41.54 -13.58 10.26
C ILE B 15 -42.11 -13.23 8.87
N GLY B 16 -41.30 -13.21 7.81
CA GLY B 16 -41.79 -12.82 6.49
C GLY B 16 -42.63 -13.90 5.81
N ASN B 17 -43.41 -13.49 4.82
CA ASN B 17 -44.10 -14.42 3.94
C ASN B 17 -45.11 -15.32 4.65
N GLY B 18 -45.73 -14.80 5.71
CA GLY B 18 -46.69 -15.55 6.56
C GLY B 18 -46.09 -16.74 7.32
N ALA B 19 -44.78 -16.82 7.41
CA ALA B 19 -44.12 -17.91 8.10
C ALA B 19 -44.07 -17.64 9.61
N SER B 20 -44.14 -18.74 10.38
CA SER B 20 -43.89 -18.69 11.85
C SER B 20 -42.91 -19.73 12.33
N VAL B 21 -42.06 -19.32 13.30
CA VAL B 21 -41.03 -20.16 13.87
C VAL B 21 -41.17 -20.22 15.41
N PRO B 22 -40.83 -21.38 16.01
CA PRO B 22 -40.79 -21.45 17.51
C PRO B 22 -40.01 -20.31 18.22
N ILE B 23 -40.48 -19.92 19.40
CA ILE B 23 -39.67 -19.07 20.26
C ILE B 23 -38.58 -19.94 20.89
N SER B 24 -37.63 -19.29 21.57
CA SER B 24 -36.53 -19.98 22.31
C SER B 24 -35.71 -20.89 21.45
N ASN B 25 -35.44 -20.48 20.20
CA ASN B 25 -34.68 -21.33 19.28
C ASN B 25 -34.03 -20.46 18.22
N THR B 26 -32.84 -19.93 18.52
CA THR B 26 -32.11 -18.99 17.65
C THR B 26 -31.77 -19.60 16.29
N GLY B 27 -31.35 -20.87 16.31
CA GLY B 27 -31.01 -21.61 15.08
C GLY B 27 -32.13 -21.62 14.04
N GLU B 28 -33.36 -21.89 14.49
CA GLU B 28 -34.53 -21.93 13.63
C GLU B 28 -35.04 -20.53 13.23
N LEU B 29 -34.95 -19.57 14.14
CA LEU B 29 -35.19 -18.15 13.79
C LEU B 29 -34.24 -17.69 12.66
N ILE B 30 -32.92 -17.86 12.83
CA ILE B 30 -32.04 -17.45 11.75
C ILE B 30 -32.27 -18.25 10.45
N LYS B 31 -32.71 -19.50 10.57
CA LYS B 31 -32.96 -20.29 9.39
C LYS B 31 -34.25 -19.81 8.73
N GLY B 32 -35.25 -19.51 9.55
CA GLY B 32 -36.52 -18.96 9.10
C GLY B 32 -36.37 -17.64 8.36
N LEU B 33 -35.54 -16.74 8.90
CA LEU B 33 -35.19 -15.46 8.24
C LEU B 33 -34.53 -15.69 6.87
N ARG B 34 -33.44 -16.46 6.83
CA ARG B 34 -32.86 -16.89 5.54
C ARG B 34 -33.94 -17.34 4.54
N ASN B 35 -34.81 -18.26 4.97
CA ASN B 35 -35.88 -18.78 4.12
C ASN B 35 -36.96 -17.82 3.72
N TYR B 36 -37.49 -17.07 4.67
CA TYR B 36 -38.75 -16.35 4.53
C TYR B 36 -38.59 -14.84 4.68
N GLY B 37 -37.40 -14.40 5.11
CA GLY B 37 -37.19 -13.00 5.44
C GLY B 37 -37.82 -12.60 6.77
N PRO B 38 -37.55 -11.34 7.20
CA PRO B 38 -38.12 -10.80 8.44
C PRO B 38 -39.56 -10.37 8.26
N TYR B 39 -40.24 -10.11 9.37
CA TYR B 39 -41.60 -9.69 9.28
C TYR B 39 -41.81 -8.50 8.30
N GLU B 40 -40.90 -7.56 8.37
CA GLU B 40 -40.87 -6.36 7.50
C GLU B 40 -39.42 -5.92 7.26
N VAL B 41 -38.99 -6.06 6.01
CA VAL B 41 -37.73 -5.58 5.51
C VAL B 41 -37.87 -4.05 5.55
N PRO B 42 -36.86 -3.32 6.05
CA PRO B 42 -37.01 -1.88 6.03
C PRO B 42 -37.02 -1.34 4.59
N SER B 43 -37.62 -0.19 4.37
CA SER B 43 -37.53 0.47 3.07
C SER B 43 -36.51 1.58 3.24
N LEU B 44 -35.44 1.49 2.46
CA LEU B 44 -34.29 2.35 2.61
C LEU B 44 -34.35 3.39 1.48
N LYS B 45 -34.11 4.66 1.81
CA LYS B 45 -34.04 5.73 0.81
C LYS B 45 -32.80 5.64 -0.08
N TYR B 46 -31.62 5.32 0.49
CA TYR B 46 -30.39 5.34 -0.30
C TYR B 46 -29.82 4.00 -0.73
N ASN B 47 -30.21 2.93 -0.03
CA ASN B 47 -29.56 1.62 -0.16
C ASN B 47 -28.08 1.73 0.09
N GLN B 48 -27.73 2.59 1.03
CA GLN B 48 -26.36 2.88 1.37
C GLN B 48 -26.20 2.97 2.87
N ILE B 49 -25.12 2.35 3.35
CA ILE B 49 -24.69 2.38 4.74
C ILE B 49 -23.22 2.76 4.77
N ALA B 50 -22.87 3.64 5.70
CA ALA B 50 -21.47 4.05 5.90
C ALA B 50 -20.79 3.18 6.95
N LEU B 51 -19.59 2.67 6.63
CA LEU B 51 -18.75 2.07 7.63
C LEU B 51 -17.60 3.05 7.94
N ILE B 52 -17.58 3.52 9.18
CA ILE B 52 -16.66 4.56 9.63
C ILE B 52 -15.66 3.99 10.64
N HIS B 53 -14.37 4.00 10.28
CA HIS B 53 -13.30 3.38 11.11
C HIS B 53 -11.90 4.07 10.95
N ASN B 54 -10.91 3.60 11.71
CA ASN B 54 -9.51 4.10 11.58
C ASN B 54 -8.48 3.05 11.17
N ASN B 55 -8.93 1.98 10.51
CA ASN B 55 -8.03 0.95 9.97
C ASN B 55 -8.19 0.76 8.45
N GLN B 56 -7.69 1.74 7.69
CA GLN B 56 -7.97 1.87 6.25
C GLN B 56 -7.79 0.59 5.38
N PHE B 57 -6.79 -0.23 5.65
CA PHE B 57 -6.60 -1.41 4.81
C PHE B 57 -6.70 -2.73 5.58
N SER B 58 -7.08 -2.64 6.85
CA SER B 58 -7.26 -3.80 7.71
C SER B 58 -8.02 -4.99 7.10
N SER B 59 -7.53 -6.18 7.40
CA SER B 59 -8.11 -7.43 6.95
C SER B 59 -9.38 -7.76 7.74
N LEU B 60 -9.32 -7.56 9.06
CA LEU B 60 -10.49 -7.56 9.93
C LEU B 60 -11.69 -6.78 9.37
N ILE B 61 -11.45 -5.54 8.91
CA ILE B 61 -12.52 -4.67 8.37
C ILE B 61 -13.09 -5.26 7.10
N ASN B 62 -12.24 -5.90 6.30
CA ASN B 62 -12.73 -6.49 5.06
C ASN B 62 -13.63 -7.66 5.31
N GLN B 63 -13.25 -8.47 6.31
CA GLN B 63 -14.01 -9.62 6.79
C GLN B 63 -15.34 -9.15 7.37
N LEU B 64 -15.27 -8.18 8.29
CA LEU B 64 -16.43 -7.56 8.92
C LEU B 64 -17.41 -7.07 7.85
N LYS B 65 -16.89 -6.25 6.93
CA LYS B 65 -17.72 -5.66 5.88
C LYS B 65 -18.31 -6.75 4.96
N SER B 66 -17.51 -7.77 4.67
CA SER B 66 -17.95 -8.92 3.88
C SER B 66 -19.08 -9.69 4.58
N GLN B 67 -18.93 -9.88 5.89
CA GLN B 67 -19.97 -10.51 6.67
C GLN B 67 -21.25 -9.67 6.77
N ILE B 68 -21.11 -8.38 7.03
CA ILE B 68 -22.27 -7.49 7.08
C ILE B 68 -23.00 -7.56 5.72
N SER B 69 -22.26 -7.46 4.62
CA SER B 69 -22.85 -7.56 3.28
C SER B 69 -23.66 -8.81 3.01
N SER B 70 -23.08 -9.98 3.32
CA SER B 70 -23.70 -11.28 3.00
C SER B 70 -24.93 -11.49 3.86
N LYS B 71 -24.79 -11.19 5.14
CA LYS B 71 -25.90 -11.42 6.07
C LYS B 71 -27.05 -10.46 5.86
N ILE B 72 -26.76 -9.19 5.63
CA ILE B 72 -27.85 -8.24 5.37
C ILE B 72 -28.72 -8.67 4.16
N ASP B 73 -28.06 -9.29 3.17
CA ASP B 73 -28.73 -9.71 1.94
C ASP B 73 -29.50 -11.01 2.16
N GLU B 74 -28.83 -11.98 2.77
CA GLU B 74 -29.32 -13.35 2.83
C GLU B 74 -30.26 -13.62 3.98
N VAL B 75 -29.90 -13.15 5.19
CA VAL B 75 -30.72 -13.29 6.39
C VAL B 75 -31.83 -12.23 6.35
N TRP B 76 -31.45 -10.98 6.10
CA TRP B 76 -32.33 -9.85 6.25
C TRP B 76 -33.09 -9.46 4.95
N HIS B 77 -32.72 -10.10 3.83
CA HIS B 77 -33.44 -9.88 2.56
C HIS B 77 -33.48 -8.42 2.17
N ILE B 78 -32.40 -7.74 2.53
CA ILE B 78 -32.15 -6.35 2.15
C ILE B 78 -31.13 -6.39 0.98
N HIS B 79 -31.66 -6.31 -0.23
CA HIS B 79 -30.86 -6.55 -1.42
C HIS B 79 -30.27 -5.26 -2.00
N ASN B 80 -29.09 -5.40 -2.58
CA ASN B 80 -28.45 -4.33 -3.34
C ASN B 80 -28.01 -3.10 -2.50
N ILE B 81 -27.59 -3.35 -1.26
CA ILE B 81 -27.04 -2.31 -0.37
C ILE B 81 -25.58 -2.09 -0.67
N ASN B 82 -25.16 -0.82 -0.65
CA ASN B 82 -23.76 -0.48 -0.73
C ASN B 82 -23.20 -0.06 0.60
N ILE B 83 -22.04 -0.57 0.95
CA ILE B 83 -21.37 -0.14 2.15
C ILE B 83 -20.17 0.74 1.76
N SER B 84 -20.22 2.03 2.12
CA SER B 84 -19.14 2.97 1.81
C SER B 84 -18.30 3.19 3.05
N GLU B 85 -16.98 3.27 2.88
CA GLU B 85 -16.07 3.50 4.01
C GLU B 85 -15.64 4.94 4.19
N PHE B 86 -15.39 5.33 5.44
CA PHE B 86 -14.91 6.65 5.80
C PHE B 86 -13.86 6.48 6.89
N ILE B 87 -12.68 7.01 6.60
CA ILE B 87 -11.54 6.80 7.48
C ILE B 87 -11.27 8.06 8.24
N TYR B 88 -11.30 7.96 9.56
CA TYR B 88 -10.87 9.05 10.41
C TYR B 88 -9.41 8.87 10.84
N ASP B 89 -8.73 9.98 11.08
CA ASP B 89 -7.28 10.00 11.34
C ASP B 89 -6.88 9.86 12.82
N SER B 90 -7.85 10.08 13.71
CA SER B 90 -7.59 10.23 15.13
C SER B 90 -8.87 9.91 15.89
N PRO B 91 -8.79 9.10 16.96
CA PRO B 91 -9.97 8.63 17.71
C PRO B 91 -10.45 9.66 18.73
N HIS B 92 -10.95 10.77 18.22
CA HIS B 92 -11.41 11.88 19.05
C HIS B 92 -12.65 12.48 18.45
N PHE B 93 -13.43 13.15 19.29
CA PHE B 93 -14.73 13.61 18.88
C PHE B 93 -14.76 14.35 17.53
N ASP B 94 -13.97 15.42 17.42
CA ASP B 94 -13.96 16.22 16.19
C ASP B 94 -13.53 15.45 14.91
N SER B 95 -12.54 14.59 15.04
CA SER B 95 -12.04 13.84 13.88
C SER B 95 -13.12 12.85 13.41
N ILE B 96 -13.66 12.06 14.35
CA ILE B 96 -14.73 11.08 14.02
C ILE B 96 -15.98 11.78 13.46
N LYS B 97 -16.43 12.82 14.15
CA LYS B 97 -17.53 13.67 13.69
C LYS B 97 -17.35 14.23 12.25
N SER B 98 -16.13 14.55 11.87
CA SER B 98 -15.87 15.04 10.51
C SER B 98 -16.25 13.98 9.50
N GLN B 99 -15.95 12.72 9.79
CA GLN B 99 -16.29 11.62 8.90
C GLN B 99 -17.78 11.31 8.95
N VAL B 100 -18.37 11.36 10.15
CA VAL B 100 -19.85 11.25 10.28
C VAL B 100 -20.55 12.28 9.35
N ASP B 101 -20.11 13.52 9.42
CA ASP B 101 -20.66 14.55 8.54
C ASP B 101 -20.45 14.32 7.04
N ASN B 102 -19.26 13.86 6.66
CA ASN B 102 -18.97 13.40 5.30
C ASN B 102 -19.92 12.34 4.82
N ALA B 103 -20.14 11.32 5.66
CA ALA B 103 -21.06 10.28 5.34
C ALA B 103 -22.49 10.80 5.14
N ILE B 104 -23.00 11.60 6.09
CA ILE B 104 -24.38 12.12 6.03
C ILE B 104 -24.55 12.90 4.71
N ASP B 105 -23.49 13.64 4.35
CA ASP B 105 -23.57 14.47 3.14
C ASP B 105 -23.63 13.66 1.84
N THR B 106 -23.05 12.46 1.83
CA THR B 106 -23.16 11.59 0.66
C THR B 106 -24.56 10.99 0.46
N GLY B 107 -25.37 10.90 1.52
CA GLY B 107 -26.65 10.26 1.42
C GLY B 107 -26.56 8.81 1.90
N VAL B 108 -26.75 8.62 3.21
CA VAL B 108 -26.75 7.26 3.80
C VAL B 108 -28.03 7.01 4.62
N ASP B 109 -28.42 5.74 4.70
CA ASP B 109 -29.54 5.30 5.54
C ASP B 109 -29.14 5.03 7.00
N GLY B 110 -27.88 4.70 7.21
CA GLY B 110 -27.36 4.46 8.53
C GLY B 110 -25.86 4.48 8.55
N ILE B 111 -25.30 4.72 9.74
CA ILE B 111 -23.87 4.68 9.97
C ILE B 111 -23.50 3.51 10.94
N MET B 112 -22.54 2.70 10.53
CA MET B 112 -21.89 1.78 11.45
C MET B 112 -20.52 2.35 11.80
N LEU B 113 -20.32 2.62 13.08
CA LEU B 113 -19.14 3.34 13.52
C LEU B 113 -18.20 2.42 14.34
N VAL B 114 -17.00 2.19 13.82
CA VAL B 114 -16.05 1.33 14.51
C VAL B 114 -15.17 2.21 15.39
N LEU B 115 -15.30 2.09 16.72
CA LEU B 115 -14.35 2.74 17.64
C LEU B 115 -13.14 1.80 17.94
N PRO B 116 -11.93 2.38 18.20
CA PRO B 116 -10.75 1.54 18.45
C PRO B 116 -10.85 0.74 19.74
N GLU B 117 -11.56 1.29 20.72
CA GLU B 117 -11.68 0.70 22.04
C GLU B 117 -12.85 1.29 22.83
N TYR B 118 -13.18 0.59 23.91
CA TYR B 118 -14.04 1.05 25.00
C TYR B 118 -13.76 2.49 25.41
N ASN B 119 -14.61 3.43 25.02
CA ASN B 119 -14.44 4.82 25.45
C ASN B 119 -15.79 5.46 25.82
N THR B 120 -16.12 5.48 27.12
CA THR B 120 -17.44 5.95 27.58
C THR B 120 -17.80 7.42 27.23
N PRO B 121 -16.95 8.40 27.60
CA PRO B 121 -17.36 9.75 27.17
C PRO B 121 -17.46 9.94 25.65
N LEU B 122 -16.55 9.34 24.88
CA LEU B 122 -16.52 9.52 23.43
C LEU B 122 -17.74 8.84 22.79
N TYR B 123 -18.04 7.61 23.25
CA TYR B 123 -19.21 6.88 22.80
C TYR B 123 -20.50 7.71 22.99
N TYR B 124 -20.73 8.23 24.20
CA TYR B 124 -21.96 8.96 24.52
C TYR B 124 -22.10 10.30 23.79
N LYS B 125 -20.97 10.95 23.58
CA LYS B 125 -20.94 12.17 22.79
C LYS B 125 -21.31 11.88 21.33
N LEU B 126 -20.65 10.87 20.74
CA LEU B 126 -20.92 10.47 19.36
C LEU B 126 -22.30 9.84 19.17
N LYS B 127 -22.69 8.95 20.09
CA LYS B 127 -23.99 8.28 19.96
C LYS B 127 -25.13 9.29 20.06
N SER B 128 -25.01 10.28 20.96
CA SER B 128 -25.99 11.34 21.09
C SER B 128 -26.07 12.19 19.79
N TYR B 129 -24.92 12.53 19.24
CA TYR B 129 -24.93 13.22 17.95
C TYR B 129 -25.62 12.38 16.91
N LEU B 130 -25.26 11.11 16.80
CA LEU B 130 -25.88 10.21 15.82
C LEU B 130 -27.41 10.00 15.99
N ILE B 131 -27.88 9.85 17.23
CA ILE B 131 -29.34 9.63 17.50
C ILE B 131 -30.17 10.77 16.93
N ASN B 132 -29.63 11.98 17.11
CA ASN B 132 -30.17 13.18 16.54
C ASN B 132 -30.08 13.30 14.99
N SER B 133 -29.36 12.38 14.35
CA SER B 133 -29.05 12.50 12.92
C SER B 133 -29.59 11.33 12.04
N ILE B 134 -29.25 10.09 12.39
CA ILE B 134 -29.32 8.98 11.43
C ILE B 134 -29.22 7.68 12.25
N PRO B 135 -29.94 6.61 11.85
CA PRO B 135 -29.74 5.32 12.58
C PRO B 135 -28.22 4.97 12.71
N SER B 136 -27.77 4.48 13.89
CA SER B 136 -26.38 4.10 14.07
C SER B 136 -26.15 2.79 14.83
N GLN B 137 -25.05 2.11 14.48
CA GLN B 137 -24.53 0.95 15.20
C GLN B 137 -23.06 1.15 15.49
N PHE B 138 -22.72 1.19 16.76
CA PHE B 138 -21.32 1.22 17.14
C PHE B 138 -20.75 -0.18 17.30
N MET B 139 -19.44 -0.27 17.11
CA MET B 139 -18.65 -1.49 17.23
C MET B 139 -17.27 -1.15 17.83
N ARG B 140 -16.65 -2.12 18.48
CA ARG B 140 -15.32 -1.89 19.03
C ARG B 140 -14.29 -2.71 18.29
N TYR B 141 -13.23 -2.03 17.86
CA TYR B 141 -12.19 -2.67 17.06
C TYR B 141 -11.38 -3.67 17.88
N ASP B 142 -11.23 -3.40 19.18
CA ASP B 142 -10.48 -4.26 20.09
C ASP B 142 -11.31 -5.49 20.52
N ILE B 143 -12.28 -5.88 19.68
CA ILE B 143 -13.20 -6.95 20.00
C ILE B 143 -13.21 -8.04 18.90
N ASN B 148 -14.68 -14.39 17.21
CA ASN B 148 -16.11 -14.18 17.23
C ASN B 148 -16.80 -14.94 16.07
N LEU B 149 -16.98 -14.41 14.85
CA LEU B 149 -17.22 -13.04 14.45
C LEU B 149 -18.53 -13.22 13.67
N THR B 150 -18.82 -14.49 13.37
CA THR B 150 -20.07 -14.87 12.70
C THR B 150 -21.20 -14.57 13.66
N PHE B 151 -21.11 -15.14 14.87
CA PHE B 151 -22.10 -14.86 15.93
C PHE B 151 -22.25 -13.33 16.18
N TYR B 152 -21.14 -12.62 16.25
CA TYR B 152 -21.09 -11.18 16.48
C TYR B 152 -21.86 -10.36 15.42
N VAL B 153 -21.48 -10.49 14.14
CA VAL B 153 -22.17 -9.76 13.07
C VAL B 153 -23.65 -10.17 12.99
N ASP B 154 -23.92 -11.48 13.06
CA ASP B 154 -25.32 -11.94 13.04
C ASP B 154 -26.22 -11.33 14.12
N ASN B 155 -25.69 -11.21 15.32
CA ASN B 155 -26.46 -10.66 16.42
C ASN B 155 -26.61 -9.16 16.27
N LEU B 156 -25.52 -8.53 15.84
CA LEU B 156 -25.47 -7.08 15.60
C LEU B 156 -26.56 -6.58 14.64
N LEU B 157 -26.88 -7.37 13.61
CA LEU B 157 -27.78 -6.88 12.58
C LEU B 157 -29.22 -6.87 13.05
N VAL B 158 -29.54 -7.70 14.04
CA VAL B 158 -30.87 -7.68 14.58
C VAL B 158 -31.26 -6.25 14.99
N GLN B 159 -30.45 -5.65 15.85
CA GLN B 159 -30.77 -4.31 16.34
C GLN B 159 -30.57 -3.22 15.28
N PHE B 160 -29.53 -3.37 14.45
CA PHE B 160 -29.29 -2.41 13.34
C PHE B 160 -30.43 -2.40 12.35
N VAL B 161 -30.87 -3.56 11.85
CA VAL B 161 -32.05 -3.58 11.00
C VAL B 161 -33.28 -2.93 11.66
N SER B 162 -33.45 -3.19 12.97
CA SER B 162 -34.52 -2.60 13.72
C SER B 162 -34.39 -1.06 13.76
N LYS B 163 -33.19 -0.58 14.01
CA LYS B 163 -32.85 0.85 14.02
C LYS B 163 -33.11 1.50 12.65
N LEU B 164 -32.99 0.70 11.59
CA LEU B 164 -33.24 1.14 10.21
C LEU B 164 -34.72 1.16 9.88
N GLY B 165 -35.55 0.70 10.83
CA GLY B 165 -37.03 0.72 10.67
C GLY B 165 -37.61 -0.60 10.21
N GLY B 166 -36.79 -1.65 10.12
CA GLY B 166 -37.34 -2.98 9.77
C GLY B 166 -37.91 -3.64 11.03
N LYS B 167 -38.67 -4.70 10.83
CA LYS B 167 -39.29 -5.47 11.96
C LYS B 167 -38.83 -6.91 11.85
N PRO B 168 -37.78 -7.30 12.63
CA PRO B 168 -37.30 -8.68 12.48
C PRO B 168 -38.40 -9.72 12.58
N TRP B 169 -39.17 -9.68 13.64
CA TRP B 169 -40.23 -10.68 13.88
C TRP B 169 -41.29 -10.06 14.82
N ILE B 170 -42.52 -10.57 14.78
CA ILE B 170 -43.50 -10.13 15.78
C ILE B 170 -44.03 -11.34 16.55
N LEU B 171 -44.69 -11.07 17.67
CA LEU B 171 -45.40 -12.11 18.40
C LEU B 171 -46.66 -12.48 17.66
N ASN B 172 -46.90 -13.79 17.48
CA ASN B 172 -48.22 -14.29 17.08
C ASN B 172 -49.13 -14.27 18.26
N VAL B 173 -50.18 -13.47 18.19
CA VAL B 173 -51.12 -13.42 19.26
C VAL B 173 -52.55 -13.62 18.78
N ASP B 174 -53.42 -14.08 19.68
CA ASP B 174 -54.84 -14.22 19.38
C ASP B 174 -55.42 -12.82 19.25
N PRO B 175 -55.99 -12.50 18.07
CA PRO B 175 -56.44 -11.10 17.88
C PRO B 175 -57.64 -10.77 18.77
N GLU B 176 -58.26 -11.82 19.31
CA GLU B 176 -59.41 -11.70 20.25
C GLU B 176 -59.03 -11.50 21.72
N LYS B 177 -57.74 -11.61 22.00
CA LYS B 177 -57.24 -11.63 23.36
C LYS B 177 -56.19 -10.53 23.59
N GLY B 178 -56.27 -9.90 24.76
CA GLY B 178 -55.31 -8.87 25.12
C GLY B 178 -55.70 -7.45 24.73
N SER B 179 -54.77 -6.55 24.98
CA SER B 179 -54.97 -5.12 24.87
C SER B 179 -54.87 -4.68 23.43
N ASP B 180 -55.68 -3.70 23.04
CA ASP B 180 -55.56 -3.02 21.73
C ASP B 180 -54.26 -2.22 21.66
N ILE B 181 -54.02 -1.43 22.69
CA ILE B 181 -52.68 -0.92 22.92
C ILE B 181 -52.27 -1.10 24.37
N ILE B 182 -50.96 -1.23 24.55
CA ILE B 182 -50.31 -1.16 25.85
C ILE B 182 -49.40 0.08 25.91
N ILE B 183 -49.56 0.85 26.98
CA ILE B 183 -48.68 2.00 27.22
C ILE B 183 -47.76 1.71 28.38
N GLY B 184 -46.47 1.60 28.08
CA GLY B 184 -45.41 1.46 29.06
C GLY B 184 -45.10 2.87 29.53
N THR B 185 -45.31 3.11 30.82
CA THR B 185 -45.13 4.48 31.36
C THR B 185 -44.50 4.49 32.78
N GLY B 186 -44.12 5.68 33.25
CA GLY B 186 -43.37 5.84 34.51
C GLY B 186 -42.28 6.87 34.40
N ALA B 187 -41.22 6.68 35.16
CA ALA B 187 -40.06 7.51 35.07
C ALA B 187 -38.89 6.78 35.64
N THR B 188 -37.72 7.28 35.36
CA THR B 188 -36.52 6.67 35.84
C THR B 188 -35.62 7.74 36.40
N ARG B 189 -35.13 7.54 37.64
CA ARG B 189 -34.16 8.45 38.22
C ARG B 189 -32.86 8.26 37.52
N ILE B 190 -32.17 9.36 37.27
CA ILE B 190 -30.83 9.32 36.72
C ILE B 190 -29.77 9.62 37.80
N ASP B 191 -30.24 10.08 38.96
CA ASP B 191 -29.44 10.26 40.19
C ASP B 191 -30.42 10.53 41.31
N ASN B 192 -29.94 10.97 42.48
CA ASN B 192 -30.79 11.15 43.66
C ASN B 192 -31.86 12.22 43.51
N VAL B 193 -31.58 13.19 42.64
CA VAL B 193 -32.50 14.31 42.41
C VAL B 193 -33.26 14.28 41.06
N ASN B 194 -32.54 13.98 39.99
CA ASN B 194 -33.10 14.14 38.65
C ASN B 194 -33.74 12.86 38.10
N LEU B 195 -34.69 13.05 37.20
CA LEU B 195 -35.36 11.93 36.49
C LEU B 195 -35.97 12.42 35.17
N PHE B 196 -36.53 11.48 34.41
CA PHE B 196 -37.32 11.80 33.21
C PHE B 196 -38.43 10.79 33.17
N CYS B 197 -39.53 11.20 32.56
CA CYS B 197 -40.70 10.44 32.35
C CYS B 197 -40.71 9.92 30.92
N PHE B 198 -41.36 8.78 30.76
CA PHE B 198 -41.40 8.13 29.44
C PHE B 198 -42.79 7.60 29.26
N ALA B 199 -43.17 7.45 27.99
CA ALA B 199 -44.39 6.78 27.66
C ALA B 199 -44.17 6.20 26.28
N MET B 200 -44.52 4.93 26.17
CA MET B 200 -44.27 4.14 24.95
C MET B 200 -45.47 3.32 24.68
N VAL B 201 -45.99 3.45 23.46
CA VAL B 201 -47.18 2.76 23.03
C VAL B 201 -46.74 1.57 22.17
N PHE B 202 -47.28 0.40 22.55
CA PHE B 202 -47.01 -0.88 21.87
C PHE B 202 -48.29 -1.52 21.46
N LYS B 203 -48.23 -2.31 20.38
CA LYS B 203 -49.27 -3.24 20.03
C LYS B 203 -49.08 -4.49 20.83
N LYS B 204 -50.13 -5.29 20.92
CA LYS B 204 -50.05 -6.60 21.59
C LYS B 204 -49.03 -7.59 20.94
N ASP B 205 -48.62 -7.33 19.69
CA ASP B 205 -47.68 -8.21 19.01
C ASP B 205 -46.27 -7.76 19.34
N GLY B 206 -46.15 -6.79 20.23
CA GLY B 206 -44.82 -6.42 20.73
C GLY B 206 -44.16 -5.28 19.96
N THR B 207 -44.80 -4.80 18.91
CA THR B 207 -44.20 -3.68 18.12
C THR B 207 -44.46 -2.34 18.81
N MET B 208 -43.44 -1.50 18.87
CA MET B 208 -43.56 -0.16 19.44
C MET B 208 -44.08 0.78 18.39
N LEU B 209 -45.14 1.50 18.69
CA LEU B 209 -45.80 2.40 17.75
C LEU B 209 -45.39 3.86 17.94
N TRP B 210 -45.15 4.23 19.19
CA TRP B 210 -44.82 5.61 19.56
C TRP B 210 -44.01 5.62 20.87
N ASN B 211 -43.02 6.49 20.96
CA ASN B 211 -42.23 6.70 22.19
C ASN B 211 -42.07 8.24 22.46
N GLU B 212 -42.43 8.65 23.66
CA GLU B 212 -42.19 10.06 24.13
C GLU B 212 -41.31 10.06 25.38
N ILE B 213 -40.39 11.02 25.51
CA ILE B 213 -39.62 11.16 26.76
C ILE B 213 -39.60 12.65 27.20
N SER B 214 -39.74 12.91 28.51
CA SER B 214 -39.79 14.28 29.00
C SER B 214 -38.38 14.81 29.07
N PRO B 215 -38.19 16.15 29.23
CA PRO B 215 -36.83 16.57 29.58
C PRO B 215 -36.42 16.02 30.97
N ILE B 216 -35.11 15.98 31.24
CA ILE B 216 -34.66 15.80 32.62
C ILE B 216 -35.21 16.89 33.52
N VAL B 217 -35.89 16.46 34.58
CA VAL B 217 -36.51 17.30 35.57
C VAL B 217 -36.08 16.78 36.97
N THR B 218 -36.55 17.46 38.03
CA THR B 218 -36.18 17.06 39.40
C THR B 218 -37.38 16.28 39.92
N SER B 219 -37.17 15.49 40.96
CA SER B 219 -38.28 14.66 41.48
C SER B 219 -39.59 15.39 41.80
N SER B 220 -39.49 16.64 42.25
CA SER B 220 -40.67 17.48 42.49
C SER B 220 -41.60 17.70 41.30
N GLU B 221 -41.09 17.52 40.08
CA GLU B 221 -41.88 17.83 38.88
C GLU B 221 -42.46 16.56 38.23
N TYR B 222 -42.32 15.43 38.91
CA TYR B 222 -42.66 14.11 38.36
C TYR B 222 -44.09 13.97 37.83
N LEU B 223 -45.10 14.21 38.67
CA LEU B 223 -46.49 14.01 38.29
C LEU B 223 -47.03 14.93 37.19
N THR B 224 -46.48 16.14 37.09
CA THR B 224 -46.88 17.01 36.01
C THR B 224 -46.19 16.54 34.71
N TYR B 225 -44.93 16.12 34.77
CA TYR B 225 -44.30 15.62 33.53
C TYR B 225 -44.80 14.24 33.10
N LEU B 226 -45.25 13.41 34.06
CA LEU B 226 -45.79 12.08 33.80
C LEU B 226 -47.07 12.26 33.03
N LYS B 227 -47.92 13.16 33.51
CA LYS B 227 -49.15 13.43 32.82
C LYS B 227 -48.91 13.90 31.38
N SER B 228 -48.09 14.93 31.21
CA SER B 228 -47.86 15.52 29.92
C SER B 228 -47.16 14.54 28.96
N THR B 229 -46.17 13.80 29.46
CA THR B 229 -45.47 12.78 28.64
C THR B 229 -46.42 11.72 28.07
N ILE B 230 -47.31 11.19 28.92
CA ILE B 230 -48.34 10.24 28.48
C ILE B 230 -49.29 10.86 27.48
N LYS B 231 -49.73 12.08 27.78
CA LYS B 231 -50.62 12.79 26.85
C LYS B 231 -50.05 12.94 25.44
N LYS B 232 -48.78 13.34 25.37
CA LYS B 232 -48.09 13.49 24.08
C LYS B 232 -47.96 12.19 23.33
N VAL B 233 -47.72 11.07 24.03
CA VAL B 233 -47.53 9.77 23.35
C VAL B 233 -48.83 9.31 22.72
N VAL B 234 -49.93 9.48 23.42
CA VAL B 234 -51.23 9.12 22.88
C VAL B 234 -51.69 10.08 21.76
N TYR B 235 -51.47 11.41 21.91
CA TYR B 235 -51.75 12.34 20.79
C TYR B 235 -50.96 11.95 19.53
N GLY B 236 -49.66 11.69 19.72
CA GLY B 236 -48.79 11.18 18.66
C GLY B 236 -49.22 9.85 18.06
N PHE B 237 -49.56 8.89 18.92
CA PHE B 237 -50.04 7.61 18.42
C PHE B 237 -51.33 7.79 17.63
N LYS B 238 -52.21 8.61 18.16
CA LYS B 238 -53.56 8.75 17.64
C LYS B 238 -53.59 9.56 16.33
N LYS B 239 -52.69 10.55 16.24
CA LYS B 239 -52.53 11.34 15.02
C LYS B 239 -52.08 10.51 13.81
N SER B 240 -51.13 9.62 14.03
CA SER B 240 -50.62 8.79 12.95
C SER B 240 -51.36 7.44 12.84
N ASN B 241 -52.34 7.20 13.71
CA ASN B 241 -53.27 6.04 13.61
C ASN B 241 -54.71 6.42 13.99
N PRO B 242 -55.38 7.23 13.14
CA PRO B 242 -56.70 7.76 13.49
C PRO B 242 -57.81 6.70 13.49
N ASP B 243 -57.55 5.56 12.85
CA ASP B 243 -58.52 4.48 12.79
C ASP B 243 -58.34 3.44 13.90
N TRP B 244 -57.16 3.46 14.54
CA TRP B 244 -56.85 2.48 15.56
C TRP B 244 -57.71 2.71 16.79
N ASP B 245 -58.71 1.86 16.98
CA ASP B 245 -59.61 1.99 18.13
C ASP B 245 -59.01 1.29 19.35
N VAL B 246 -59.04 1.99 20.48
CA VAL B 246 -58.66 1.39 21.73
C VAL B 246 -59.91 1.23 22.63
N GLU B 247 -60.50 0.03 22.47
CA GLU B 247 -61.54 -0.52 23.32
C GLU B 247 -60.92 -1.16 24.56
N LYS B 248 -59.72 -1.73 24.39
CA LYS B 248 -58.97 -2.31 25.50
C LYS B 248 -57.59 -1.68 25.66
N LEU B 249 -57.39 -1.03 26.79
CA LEU B 249 -56.15 -0.34 27.09
C LEU B 249 -55.55 -0.82 28.40
N THR B 250 -54.24 -1.06 28.40
CA THR B 250 -53.50 -1.38 29.60
C THR B 250 -52.26 -0.50 29.71
N LEU B 251 -51.97 -0.04 30.92
CA LEU B 251 -50.76 0.71 31.22
C LEU B 251 -49.86 -0.18 32.05
N HIS B 252 -48.60 -0.24 31.63
CA HIS B 252 -47.53 -0.90 32.37
C HIS B 252 -46.67 0.19 32.96
N VAL B 253 -46.81 0.40 34.25
CA VAL B 253 -46.10 1.45 34.95
C VAL B 253 -44.86 0.86 35.58
N SER B 254 -43.71 1.46 35.29
CA SER B 254 -42.43 0.95 35.81
C SER B 254 -41.33 2.02 36.04
N GLY B 255 -40.24 1.61 36.64
CA GLY B 255 -39.04 2.43 36.72
C GLY B 255 -38.86 2.90 38.16
N LYS B 256 -37.59 3.10 38.53
CA LYS B 256 -37.19 3.70 39.81
C LYS B 256 -37.61 5.18 39.88
N ARG B 257 -38.69 5.44 40.60
CA ARG B 257 -39.27 6.79 40.55
C ARG B 257 -39.74 7.22 41.95
N PRO B 258 -40.23 8.48 42.08
CA PRO B 258 -40.75 8.89 43.41
C PRO B 258 -41.90 8.00 43.87
N LYS B 259 -41.92 7.68 45.16
CA LYS B 259 -43.03 6.87 45.69
C LYS B 259 -44.18 7.77 46.07
N MET B 260 -45.10 7.90 45.13
CA MET B 260 -46.29 8.68 45.25
C MET B 260 -47.33 7.76 44.72
N LYS B 261 -47.17 6.47 45.03
CA LYS B 261 -48.05 5.45 44.47
C LYS B 261 -49.48 5.96 44.49
N ASP B 262 -49.90 6.46 45.65
CA ASP B 262 -51.25 7.05 45.78
C ASP B 262 -51.48 8.25 44.84
N GLY B 263 -50.59 9.24 44.88
CA GLY B 263 -50.69 10.38 43.98
C GLY B 263 -50.64 10.02 42.50
N GLU B 264 -49.78 9.06 42.17
CA GLU B 264 -49.54 8.61 40.78
C GLU B 264 -50.70 7.87 40.13
N THR B 265 -51.24 6.84 40.81
CA THR B 265 -52.44 6.15 40.31
C THR B 265 -53.55 7.13 40.01
N LYS B 266 -53.80 8.00 40.99
CA LYS B 266 -54.77 9.09 40.91
C LYS B 266 -54.62 9.91 39.60
N ILE B 267 -53.40 10.40 39.40
CA ILE B 267 -52.97 11.13 38.20
C ILE B 267 -53.10 10.32 36.88
N LEU B 268 -52.73 9.04 36.90
CA LEU B 268 -52.95 8.15 35.74
C LEU B 268 -54.45 7.91 35.39
N LYS B 269 -55.30 7.65 36.39
CA LYS B 269 -56.75 7.57 36.12
C LYS B 269 -57.23 8.85 35.40
N GLU B 270 -56.99 10.01 36.04
CA GLU B 270 -57.31 11.34 35.47
C GLU B 270 -56.97 11.40 33.97
N THR B 271 -55.67 11.21 33.68
CA THR B 271 -55.15 11.15 32.32
C THR B 271 -56.00 10.26 31.39
N VAL B 272 -56.31 9.05 31.85
CA VAL B 272 -57.10 8.07 31.07
C VAL B 272 -58.53 8.57 30.82
N GLU B 273 -59.15 9.16 31.85
CA GLU B 273 -60.52 9.75 31.72
C GLU B 273 -60.55 10.92 30.72
N GLU B 274 -59.54 11.81 30.83
CA GLU B 274 -59.36 12.94 29.92
C GLU B 274 -59.28 12.49 28.46
N LEU B 275 -58.57 11.38 28.23
CA LEU B 275 -58.36 10.87 26.87
C LEU B 275 -59.61 10.24 26.28
N LYS B 276 -60.40 9.59 27.13
CA LYS B 276 -61.76 9.10 26.79
C LYS B 276 -62.63 10.26 26.30
N LYS B 277 -62.65 11.29 27.15
CA LYS B 277 -63.45 12.50 26.95
C LYS B 277 -63.16 13.18 25.60
N GLN B 278 -61.88 13.23 25.23
CA GLN B 278 -61.44 13.79 23.94
C GLN B 278 -61.53 12.78 22.79
N GLU B 279 -62.38 11.75 22.94
CA GLU B 279 -62.53 10.65 21.98
C GLU B 279 -61.20 10.04 21.43
N MET B 280 -60.12 10.22 22.20
CA MET B 280 -58.73 9.74 21.91
C MET B 280 -58.55 8.24 22.15
N VAL B 281 -59.05 7.79 23.29
CA VAL B 281 -59.36 6.39 23.49
C VAL B 281 -60.88 6.31 23.44
N SER B 282 -61.41 5.13 23.10
CA SER B 282 -62.85 4.96 22.97
C SER B 282 -63.64 5.28 24.25
N ARG B 283 -64.94 5.46 24.07
CA ARG B 283 -65.85 5.95 25.11
C ARG B 283 -66.03 4.87 26.17
N ASP B 284 -66.08 3.62 25.70
CA ASP B 284 -66.35 2.45 26.51
C ASP B 284 -65.10 1.63 26.77
N VAL B 285 -63.97 2.32 26.86
CA VAL B 285 -62.67 1.68 27.03
C VAL B 285 -62.59 0.88 28.35
N LYS B 286 -62.49 -0.44 28.22
CA LYS B 286 -62.05 -1.27 29.34
C LYS B 286 -60.54 -1.11 29.51
N TYR B 287 -60.12 -0.65 30.68
CA TYR B 287 -58.69 -0.42 30.96
C TYR B 287 -58.22 -0.91 32.35
N ALA B 288 -56.89 -1.07 32.49
CA ALA B 288 -56.24 -1.42 33.73
C ALA B 288 -54.88 -0.76 33.79
N ILE B 289 -54.54 -0.25 34.96
CA ILE B 289 -53.24 0.34 35.22
C ILE B 289 -52.55 -0.66 36.09
N LEU B 290 -51.38 -1.11 35.66
CA LEU B 290 -50.65 -2.15 36.30
C LEU B 290 -49.28 -1.61 36.68
N HIS B 291 -48.80 -2.01 37.84
CA HIS B 291 -47.43 -1.74 38.22
C HIS B 291 -46.63 -3.00 37.98
N LEU B 292 -45.56 -2.90 37.21
CA LEU B 292 -44.63 -3.99 36.97
C LEU B 292 -43.29 -3.72 37.58
N ASN B 293 -42.88 -4.62 38.48
CA ASN B 293 -41.61 -4.49 39.16
C ASN B 293 -40.84 -5.76 39.04
N GLU B 294 -39.55 -5.63 38.76
CA GLU B 294 -38.67 -6.76 38.79
C GLU B 294 -38.43 -7.01 40.26
N THR B 295 -38.59 -8.26 40.69
CA THR B 295 -38.39 -8.56 42.12
C THR B 295 -37.17 -9.44 42.26
N HIS B 296 -36.88 -9.87 43.48
CA HIS B 296 -35.62 -10.62 43.66
C HIS B 296 -35.62 -12.02 43.03
N PRO B 297 -34.56 -12.34 42.25
CA PRO B 297 -34.48 -13.65 41.60
C PRO B 297 -34.27 -14.80 42.58
N PHE B 298 -34.67 -16.00 42.17
CA PHE B 298 -34.56 -17.20 42.99
C PHE B 298 -34.26 -18.42 42.15
N TRP B 299 -33.97 -19.54 42.83
CA TRP B 299 -33.67 -20.78 42.16
C TRP B 299 -34.58 -21.90 42.66
N VAL B 300 -35.05 -22.71 41.73
CA VAL B 300 -35.66 -23.98 42.05
C VAL B 300 -34.55 -25.04 42.05
N MET B 301 -34.45 -25.77 43.17
CA MET B 301 -33.49 -26.84 43.39
C MET B 301 -34.13 -28.13 42.97
N GLY B 302 -33.87 -28.56 41.73
CA GLY B 302 -34.62 -29.65 41.12
C GLY B 302 -34.23 -31.02 41.65
N TYR B 311 -40.97 -23.59 38.27
CA TYR B 311 -41.60 -22.25 38.17
C TYR B 311 -41.51 -21.59 36.78
N GLU B 312 -41.81 -22.36 35.73
CA GLU B 312 -41.37 -22.04 34.36
C GLU B 312 -42.38 -21.34 33.42
N GLY B 313 -42.70 -20.10 33.70
CA GLY B 313 -43.77 -19.41 32.94
C GLY B 313 -45.09 -19.69 33.66
N THR B 314 -45.19 -19.28 34.90
CA THR B 314 -46.39 -19.58 35.63
C THR B 314 -46.88 -18.33 36.32
N LYS B 315 -48.17 -18.33 36.59
CA LYS B 315 -48.87 -17.20 37.14
C LYS B 315 -49.22 -17.50 38.59
N VAL B 316 -48.73 -16.68 39.50
CA VAL B 316 -48.93 -16.81 40.94
C VAL B 316 -49.80 -15.64 41.43
N LYS B 317 -50.89 -15.97 42.13
CA LYS B 317 -51.67 -14.96 42.84
C LYS B 317 -51.17 -14.81 44.29
N LEU B 318 -50.85 -13.58 44.64
CA LEU B 318 -50.41 -13.24 46.01
C LEU B 318 -51.59 -12.67 46.85
N SER B 319 -52.44 -11.88 46.21
CA SER B 319 -53.62 -11.30 46.82
C SER B 319 -54.55 -10.89 45.70
N SER B 320 -55.72 -10.32 46.04
CA SER B 320 -56.74 -10.00 45.02
C SER B 320 -56.17 -9.16 43.85
N LYS B 321 -55.13 -8.37 44.14
CA LYS B 321 -54.62 -7.37 43.19
C LYS B 321 -53.13 -7.55 42.88
N ARG B 322 -52.46 -8.44 43.59
CA ARG B 322 -51.03 -8.64 43.42
C ARG B 322 -50.71 -10.03 42.86
N TYR B 323 -49.88 -10.03 41.82
CA TYR B 323 -49.52 -11.25 41.07
C TYR B 323 -48.04 -11.28 40.87
N LEU B 324 -47.52 -12.48 40.63
CA LEU B 324 -46.12 -12.72 40.22
C LEU B 324 -46.15 -13.59 38.97
N LEU B 325 -45.39 -13.18 37.95
CA LEU B 325 -45.16 -14.03 36.80
C LEU B 325 -43.73 -14.49 36.89
N THR B 326 -43.51 -15.80 36.82
CA THR B 326 -42.14 -16.32 36.89
C THR B 326 -41.70 -16.79 35.54
N LEU B 327 -40.46 -16.49 35.21
CA LEU B 327 -39.88 -16.89 33.94
C LEU B 327 -38.54 -17.56 34.13
N LEU B 328 -38.16 -18.44 33.21
CA LEU B 328 -36.82 -19.04 33.17
C LEU B 328 -35.73 -18.01 32.90
N GLN B 329 -34.48 -18.43 33.05
CA GLN B 329 -33.34 -17.56 32.82
C GLN B 329 -32.18 -18.32 32.15
N VAL B 340 -30.26 -26.98 39.38
CA VAL B 340 -30.68 -25.66 39.84
C VAL B 340 -31.17 -24.76 38.69
N THR B 341 -32.48 -24.44 38.72
CA THR B 341 -33.14 -23.59 37.72
C THR B 341 -33.33 -22.12 38.19
N PRO B 342 -32.60 -21.15 37.57
CA PRO B 342 -32.77 -19.75 37.93
C PRO B 342 -34.11 -19.21 37.43
N ILE B 343 -34.79 -18.44 38.27
CA ILE B 343 -36.09 -17.88 37.93
C ILE B 343 -36.01 -16.37 38.02
N LYS B 344 -36.65 -15.71 37.07
CA LYS B 344 -36.65 -14.26 37.03
C LYS B 344 -38.09 -13.82 37.27
N PRO B 345 -38.43 -13.44 38.50
CA PRO B 345 -39.83 -13.12 38.78
C PRO B 345 -40.23 -11.68 38.44
N LEU B 346 -41.47 -11.47 38.06
CA LEU B 346 -41.96 -10.14 37.84
C LEU B 346 -43.24 -9.94 38.65
N SER B 347 -43.23 -8.90 39.49
CA SER B 347 -44.39 -8.52 40.25
C SER B 347 -45.35 -7.72 39.39
N VAL B 348 -46.65 -8.01 39.47
CA VAL B 348 -47.64 -7.35 38.64
C VAL B 348 -48.84 -7.03 39.56
N GLU B 349 -49.04 -5.74 39.86
CA GLU B 349 -50.10 -5.31 40.77
C GLU B 349 -51.12 -4.49 40.02
N ILE B 350 -52.39 -4.82 40.19
CA ILE B 350 -53.44 -4.11 39.47
C ILE B 350 -53.88 -2.91 40.36
N VAL B 351 -53.49 -1.70 39.99
CA VAL B 351 -53.76 -0.54 40.83
C VAL B 351 -55.09 0.14 40.51
N SER B 352 -55.59 -0.02 39.29
CA SER B 352 -56.87 0.55 38.95
C SER B 352 -57.38 -0.14 37.73
N ASP B 353 -58.70 -0.33 37.66
CA ASP B 353 -59.32 -0.86 36.47
C ASP B 353 -60.76 -0.47 36.53
N ASN B 354 -61.46 -0.63 35.41
CA ASN B 354 -62.88 -0.46 35.40
C ASN B 354 -63.56 -1.72 34.88
N TRP B 355 -62.98 -2.87 35.24
CA TRP B 355 -63.57 -4.17 34.89
C TRP B 355 -64.75 -4.49 35.82
N THR B 356 -65.79 -5.08 35.25
CA THR B 356 -66.90 -5.65 36.02
C THR B 356 -66.37 -6.90 36.73
N SER B 357 -66.99 -7.27 37.85
CA SER B 357 -66.51 -8.43 38.61
C SER B 357 -66.79 -9.76 37.89
N GLU B 358 -67.71 -9.72 36.92
CA GLU B 358 -68.05 -10.91 36.14
C GLU B 358 -66.95 -11.27 35.13
N GLU B 359 -66.26 -10.25 34.60
CA GLU B 359 -65.19 -10.41 33.59
C GLU B 359 -63.80 -10.47 34.23
N TYR B 360 -63.72 -10.11 35.52
CA TYR B 360 -62.46 -9.87 36.20
C TYR B 360 -61.41 -10.99 36.12
N TYR B 361 -61.82 -12.21 36.42
CA TYR B 361 -60.89 -13.35 36.48
C TYR B 361 -60.28 -13.65 35.11
N HIS B 362 -61.14 -13.59 34.09
CA HIS B 362 -60.77 -13.74 32.71
C HIS B 362 -59.78 -12.63 32.26
N ASN B 363 -60.08 -11.38 32.58
CA ASN B 363 -59.18 -10.25 32.25
C ASN B 363 -57.82 -10.37 32.94
N VAL B 364 -57.80 -10.89 34.17
CA VAL B 364 -56.52 -11.11 34.83
C VAL B 364 -55.63 -12.11 34.06
N HIS B 365 -56.19 -13.27 33.64
CA HIS B 365 -55.41 -14.24 32.89
C HIS B 365 -54.94 -13.62 31.58
N GLU B 366 -55.78 -12.82 30.92
CA GLU B 366 -55.37 -12.19 29.66
C GLU B 366 -54.29 -11.14 29.84
N ILE B 367 -54.37 -10.30 30.87
CA ILE B 367 -53.30 -9.32 31.07
C ILE B 367 -51.98 -9.99 31.49
N LEU B 368 -52.04 -11.06 32.30
CA LEU B 368 -50.77 -11.76 32.65
C LEU B 368 -50.13 -12.56 31.50
N ASP B 369 -50.97 -13.20 30.70
CA ASP B 369 -50.45 -13.87 29.52
C ASP B 369 -49.80 -12.87 28.56
N GLU B 370 -50.44 -11.73 28.39
CA GLU B 370 -49.90 -10.64 27.57
C GLU B 370 -48.51 -10.21 28.07
N ILE B 371 -48.36 -10.06 29.39
CA ILE B 371 -47.06 -9.71 29.93
C ILE B 371 -46.04 -10.79 29.62
N TYR B 372 -46.44 -12.04 29.75
CA TYR B 372 -45.57 -13.14 29.36
C TYR B 372 -45.20 -13.08 27.85
N TYR B 373 -46.21 -12.95 26.97
CA TYR B 373 -45.92 -12.80 25.52
C TYR B 373 -44.94 -11.62 25.28
N LEU B 374 -45.21 -10.47 25.91
CA LEU B 374 -44.36 -9.25 25.70
C LEU B 374 -42.95 -9.46 26.22
N SER B 375 -42.78 -10.39 27.17
CA SER B 375 -41.40 -10.69 27.67
C SER B 375 -40.58 -11.47 26.69
N LYS B 376 -41.22 -12.00 25.65
CA LYS B 376 -40.46 -12.72 24.61
C LYS B 376 -40.03 -11.82 23.43
N MET B 377 -40.49 -10.57 23.47
CA MET B 377 -40.17 -9.57 22.43
C MET B 377 -38.92 -8.78 22.76
N ASN B 378 -37.90 -8.91 21.91
CA ASN B 378 -36.65 -8.20 22.09
C ASN B 378 -35.90 -8.11 20.78
N TRP B 379 -35.68 -6.88 20.32
CA TRP B 379 -34.93 -6.66 19.06
C TRP B 379 -33.52 -6.15 19.30
N ARG B 380 -33.03 -6.23 20.53
CA ARG B 380 -31.65 -5.98 20.80
C ARG B 380 -30.72 -7.07 20.32
N GLY B 381 -31.30 -8.22 20.04
CA GLY B 381 -30.55 -9.41 19.64
C GLY B 381 -31.49 -10.62 19.54
N PHE B 382 -30.94 -11.75 19.11
CA PHE B 382 -31.74 -12.96 18.92
C PHE B 382 -32.29 -13.49 20.25
N ARG B 383 -31.47 -13.39 21.29
CA ARG B 383 -31.77 -14.03 22.57
C ARG B 383 -32.78 -13.21 23.35
N SER B 384 -33.90 -13.85 23.70
CA SER B 384 -34.91 -13.24 24.54
C SER B 384 -34.34 -12.73 25.87
N ARG B 385 -34.95 -11.68 26.37
CA ARG B 385 -34.45 -11.05 27.56
C ARG B 385 -35.32 -11.54 28.74
N ASN B 386 -36.43 -12.19 28.41
CA ASN B 386 -37.43 -12.65 29.40
C ASN B 386 -37.80 -11.52 30.36
N LEU B 387 -37.89 -10.31 29.83
CA LEU B 387 -38.37 -9.12 30.52
C LEU B 387 -39.33 -8.38 29.61
N PRO B 388 -40.52 -8.01 30.11
CA PRO B 388 -41.45 -7.41 29.19
C PRO B 388 -40.82 -6.24 28.41
N VAL B 389 -41.11 -6.19 27.10
CA VAL B 389 -40.62 -5.07 26.26
C VAL B 389 -41.06 -3.67 26.82
N THR B 390 -42.23 -3.62 27.43
CA THR B 390 -42.77 -2.40 27.99
C THR B 390 -41.99 -1.85 29.21
N VAL B 391 -41.10 -2.68 29.73
CA VAL B 391 -40.25 -2.41 30.90
C VAL B 391 -38.82 -2.32 30.43
N ASN B 392 -38.45 -3.19 29.50
CA ASN B 392 -37.06 -3.26 29.03
C ASN B 392 -36.63 -2.05 28.18
N TYR B 393 -37.47 -1.69 27.22
CA TYR B 393 -37.12 -0.57 26.32
C TYR B 393 -36.98 0.76 27.09
N PRO B 394 -37.91 1.09 28.01
CA PRO B 394 -37.59 2.21 28.94
C PRO B 394 -36.23 2.23 29.66
N LYS B 395 -35.77 1.09 30.15
CA LYS B 395 -34.45 0.97 30.77
C LYS B 395 -33.31 1.22 29.78
N LEU B 396 -33.50 0.77 28.53
CA LEU B 396 -32.47 1.05 27.53
C LEU B 396 -32.32 2.57 27.29
N VAL B 397 -33.46 3.24 27.19
CA VAL B 397 -33.57 4.69 26.97
C VAL B 397 -32.89 5.45 28.12
N ALA B 398 -33.15 4.97 29.33
CA ALA B 398 -32.66 5.59 30.56
C ALA B 398 -31.14 5.55 30.60
N GLY B 399 -30.57 4.40 30.19
CA GLY B 399 -29.13 4.23 30.13
C GLY B 399 -28.55 5.32 29.23
N ILE B 400 -29.23 5.67 28.14
CA ILE B 400 -28.72 6.71 27.21
C ILE B 400 -28.92 8.14 27.77
N ILE B 401 -30.16 8.47 28.18
CA ILE B 401 -30.48 9.78 28.78
C ILE B 401 -29.52 10.13 29.93
N ALA B 402 -29.31 9.21 30.88
CA ALA B 402 -28.48 9.47 32.06
C ALA B 402 -27.06 9.77 31.64
N ASN B 403 -26.53 8.95 30.74
CA ASN B 403 -25.12 9.04 30.42
C ASN B 403 -24.77 10.16 29.46
N VAL B 404 -25.66 10.49 28.53
CA VAL B 404 -25.40 11.66 27.68
C VAL B 404 -25.40 12.97 28.52
N ASN B 405 -26.17 12.98 29.62
CA ASN B 405 -26.17 14.08 30.59
C ASN B 405 -24.90 14.09 31.46
N ARG B 406 -24.50 12.93 31.97
CA ARG B 406 -23.26 12.82 32.74
C ARG B 406 -22.02 13.15 31.91
N TYR B 407 -22.03 12.83 30.63
CA TYR B 407 -20.83 12.99 29.80
C TYR B 407 -20.93 14.12 28.78
N GLY B 408 -21.97 14.94 28.91
CA GLY B 408 -22.12 16.16 28.12
C GLY B 408 -22.34 15.96 26.63
N GLY B 409 -23.14 14.95 26.26
CA GLY B 409 -23.51 14.72 24.87
C GLY B 409 -24.63 15.64 24.42
N TYR B 410 -25.07 15.49 23.16
CA TYR B 410 -26.15 16.29 22.61
C TYR B 410 -27.45 15.78 23.22
N PRO B 411 -28.31 16.69 23.70
CA PRO B 411 -29.54 16.15 24.29
C PRO B 411 -30.50 15.55 23.24
N ILE B 412 -31.18 14.49 23.65
CA ILE B 412 -31.99 13.70 22.73
C ILE B 412 -33.40 14.30 22.52
N SER B 419 -38.79 10.77 13.31
CA SER B 419 -38.60 9.32 13.16
C SER B 419 -38.13 8.65 14.47
N LEU B 420 -37.62 9.45 15.39
CA LEU B 420 -37.26 8.97 16.73
C LEU B 420 -38.49 8.46 17.48
N GLN B 421 -39.63 9.11 17.24
CA GLN B 421 -40.86 8.73 17.90
C GLN B 421 -41.36 7.34 17.49
N THR B 422 -40.89 6.84 16.34
CA THR B 422 -41.45 5.61 15.78
C THR B 422 -40.43 4.49 15.57
N ASN B 423 -39.18 4.74 15.96
CA ASN B 423 -38.12 3.76 15.82
C ASN B 423 -37.27 3.57 17.07
N PRO B 424 -36.78 2.34 17.24
CA PRO B 424 -36.06 1.89 18.45
C PRO B 424 -34.60 2.29 18.43
N TRP B 425 -34.41 3.60 18.50
CA TRP B 425 -33.12 4.25 18.41
C TRP B 425 -32.23 3.86 19.62
N PHE B 426 -32.86 3.37 20.68
CA PHE B 426 -32.17 3.07 21.94
C PHE B 426 -31.55 1.68 22.06
N LEU B 427 -31.68 0.84 21.02
CA LEU B 427 -31.17 -0.54 21.05
C LEU B 427 -29.66 -0.64 21.05
MN MN G . 27.16 1.40 -19.98
MN MN H . -27.21 -1.46 20.96
#